data_3GDB
#
_entry.id   3GDB
#
_cell.length_a   135.140
_cell.length_b   59.060
_cell.length_c   94.890
_cell.angle_alpha   90.00
_cell.angle_beta   110.27
_cell.angle_gamma   90.00
#
_symmetry.space_group_name_H-M   'C 1 2 1'
#
loop_
_entity.id
_entity.type
_entity.pdbx_description
1 polymer 'Putative uncharacterized protein spr0440'
2 non-polymer 'ACETIC ACID'
3 non-polymer 'TRIETHYLENE GLYCOL'
4 water water
#
_entity_poly.entity_id   1
_entity_poly.type   'polypeptide(L)'
_entity_poly.pdbx_seq_one_letter_code
;MAHHHHHHGHHHQLENLYFQGEETAVPENSGANTELVSGESEHSTNEADKQNEGEHARENKLEKAEGVATASETASPASN
EAATTETAEAASAAKPEEKASEVVAETPSAEAKPKSDKETEAKPEATNQGDESKPAAEANKTEKEVQPDVPKNTEKTLKP
KEIKFNSWEELLKWEPGAREDDAINRGSVVLASRRTGHLVNEKASKEAKVQALSNTNSKAKDHASVGGEEFKAYAFDYWQ
YLDSMVFWEGLVPTPDVIDAGHRNGVPVYGTLFFNWSNSIADQERFAEALKQDADGSFPIARKLVDMAKYYGYDGYFINQ
ETTGDLVKPLGEKMRQFMLYSKEYAAKVNHPIKYSWYDAMTYNYGRYHQDGLGEYNYQFMQPEGDKVPADNFFANFNWDK
AKNDYTIATANWIGRNPYDVFAGLELQQGGSYKTKVKWNDILDENGKLRLSLGLFAPDTITSLGKTGEDYHKNEDIFFTG
YQGDPTGQKPGDKDWYGIANLVADRTPAVGNTFTTSFNTGHGKKWFVDGKVSKDSEWNYRSVSGVLPTWRWWQTSTGEKL
RAEYDFTDAYNGGNSLKFSGDVAGKTDQDVRLYSTKLEVTEKTKLRVAHKGGKGSKVYMAFSTTPDYKFDDADAWKELTL
SDNWTNEEFDLSSLAGKTIYAVKLFFEHEGAVKDYQFNLGQLTISDNHQEPQSPTSFSVVKQSLKNAQEAEAVVQFKGNK
DADFYEVYEKDGDSWKLLTGSSSTTIYLPKVSRSASAQGTTQELKVVAVGKNGVRSEAATTTFDWGMTVKDTSLPKPLAE
NIVPGATVIDSTFPKTEGGEGIEGMLNGTITSLSDKWSSAQLSGSVDIRLTKSRTVVRWVMDHAGAGGESVNDGLMNTKD
FDLYYKDADGEWKLAKEVRGNKAHVTDITLDKPITAQDWRLNVVTSDNGTPWKAIRI
;
_entity_poly.pdbx_strand_id   A
#
loop_
_chem_comp.id
_chem_comp.type
_chem_comp.name
_chem_comp.formula
ACY non-polymer 'ACETIC ACID' 'C2 H4 O2'
PGE non-polymer 'TRIETHYLENE GLYCOL' 'C6 H14 O4'
#
# COMPACT_ATOMS: atom_id res chain seq x y z
N THR A 157 7.59 -28.00 -4.76
CA THR A 157 6.58 -27.16 -4.03
C THR A 157 6.11 -26.00 -4.91
N LEU A 158 4.79 -25.80 -4.91
CA LEU A 158 4.13 -24.83 -5.77
C LEU A 158 3.90 -23.51 -5.06
N LYS A 159 3.69 -23.54 -3.76
CA LYS A 159 3.37 -22.33 -2.98
C LYS A 159 4.57 -21.36 -3.01
N PRO A 160 4.35 -20.10 -3.44
CA PRO A 160 5.46 -19.13 -3.44
C PRO A 160 5.76 -18.68 -1.99
N LYS A 161 7.06 -18.52 -1.72
CA LYS A 161 7.55 -18.16 -0.41
C LYS A 161 8.46 -16.94 -0.39
N GLU A 162 8.48 -16.27 0.77
CA GLU A 162 9.40 -15.18 1.04
C GLU A 162 10.85 -15.63 0.81
N ILE A 163 11.65 -14.70 0.31
CA ILE A 163 13.05 -14.93 -0.05
C ILE A 163 13.95 -14.58 1.15
N LYS A 164 14.66 -15.59 1.67
CA LYS A 164 15.61 -15.44 2.77
C LYS A 164 16.94 -16.17 2.44
N PHE A 165 18.04 -15.63 2.96
CA PHE A 165 19.39 -16.19 2.74
C PHE A 165 20.01 -16.50 4.09
N ASN A 166 20.61 -17.68 4.21
CA ASN A 166 21.21 -18.09 5.50
C ASN A 166 22.64 -17.57 5.68
N SER A 167 23.24 -17.12 4.58
CA SER A 167 24.61 -16.65 4.58
C SER A 167 24.80 -15.67 3.42
N TRP A 168 25.84 -14.84 3.50
CA TRP A 168 26.26 -14.03 2.37
C TRP A 168 26.67 -14.90 1.16
N GLU A 169 27.27 -16.07 1.44
CA GLU A 169 27.61 -17.03 0.38
C GLU A 169 26.41 -17.36 -0.48
N GLU A 170 25.29 -17.65 0.17
CA GLU A 170 24.04 -17.94 -0.52
C GLU A 170 23.60 -16.73 -1.36
N LEU A 171 23.57 -15.53 -0.76
CA LEU A 171 23.27 -14.31 -1.55
C LEU A 171 24.17 -14.13 -2.78
N LEU A 172 25.47 -14.39 -2.63
CA LEU A 172 26.36 -14.21 -3.77
C LEU A 172 26.08 -15.21 -4.89
N LYS A 173 25.44 -16.32 -4.55
CA LYS A 173 25.05 -17.32 -5.52
C LYS A 173 23.70 -16.98 -6.18
N TRP A 174 23.05 -15.90 -5.74
CA TRP A 174 21.75 -15.54 -6.31
C TRP A 174 21.90 -15.13 -7.77
N GLU A 175 20.96 -15.57 -8.61
CA GLU A 175 20.89 -15.15 -10.01
C GLU A 175 19.42 -14.91 -10.39
N PRO A 176 19.13 -13.88 -11.22
CA PRO A 176 17.74 -13.64 -11.61
C PRO A 176 17.14 -14.90 -12.26
N GLY A 177 15.96 -15.31 -11.83
CA GLY A 177 15.22 -16.41 -12.44
C GLY A 177 15.60 -17.80 -11.98
N ALA A 178 16.59 -17.91 -11.10
CA ALA A 178 17.07 -19.21 -10.72
C ALA A 178 16.27 -19.88 -9.60
N ARG A 179 15.20 -19.23 -9.12
CA ARG A 179 14.37 -19.85 -8.13
C ARG A 179 13.01 -20.17 -8.74
N GLU A 180 12.46 -21.31 -8.35
CA GLU A 180 11.22 -21.82 -8.94
C GLU A 180 10.00 -20.88 -8.78
N ASP A 181 9.99 -20.09 -7.70
CA ASP A 181 8.89 -19.15 -7.45
C ASP A 181 9.22 -17.71 -7.85
N ASP A 182 10.30 -17.52 -8.61
CA ASP A 182 10.68 -16.18 -9.04
C ASP A 182 9.61 -15.48 -9.85
N ALA A 183 8.98 -16.21 -10.78
CA ALA A 183 7.98 -15.61 -11.66
C ALA A 183 6.86 -14.97 -10.85
N ILE A 184 6.50 -15.60 -9.72
CA ILE A 184 5.47 -15.10 -8.80
C ILE A 184 6.01 -14.02 -7.87
N ASN A 185 7.24 -14.19 -7.40
CA ASN A 185 7.78 -13.28 -6.36
C ASN A 185 8.14 -11.87 -6.87
N ARG A 186 8.29 -11.72 -8.18
CA ARG A 186 8.55 -10.38 -8.72
C ARG A 186 7.36 -9.46 -8.52
N GLY A 187 7.65 -8.22 -8.14
CA GLY A 187 6.67 -7.13 -8.24
C GLY A 187 6.26 -6.96 -9.69
N SER A 188 5.00 -6.62 -9.92
CA SER A 188 4.47 -6.47 -11.26
C SER A 188 3.98 -5.07 -11.56
N VAL A 189 3.80 -4.22 -10.54
CA VAL A 189 3.25 -2.89 -10.75
C VAL A 189 4.36 -1.83 -10.65
N VAL A 190 4.47 -0.98 -11.66
CA VAL A 190 5.44 0.10 -11.64
C VAL A 190 5.09 1.17 -10.59
N LEU A 191 6.09 1.74 -9.94
CA LEU A 191 5.84 2.78 -8.95
C LEU A 191 5.07 3.96 -9.59
N ALA A 192 3.82 4.22 -9.16
CA ALA A 192 3.01 5.32 -9.69
C ALA A 192 3.50 6.71 -9.24
N SER A 193 3.28 7.73 -10.09
CA SER A 193 3.52 9.12 -9.72
C SER A 193 2.40 9.59 -8.80
N ARG A 194 2.72 10.55 -7.93
CA ARG A 194 1.71 11.19 -7.10
C ARG A 194 1.76 12.72 -7.19
N ARG A 195 0.62 13.34 -6.93
CA ARG A 195 0.51 14.78 -6.72
C ARG A 195 0.27 15.06 -5.24
N THR A 196 0.83 16.16 -4.76
CA THR A 196 0.46 16.73 -3.46
C THR A 196 -0.61 17.82 -3.66
N GLY A 197 -1.84 17.53 -3.23
CA GLY A 197 -2.94 18.48 -3.39
C GLY A 197 -2.88 19.64 -2.41
N HIS A 198 -3.79 20.59 -2.58
CA HIS A 198 -4.05 21.64 -1.61
C HIS A 198 -4.14 21.07 -0.19
N LEU A 199 -3.51 21.73 0.77
CA LEU A 199 -3.59 21.30 2.16
C LEU A 199 -5.05 21.38 2.68
N VAL A 200 -5.54 20.34 3.34
CA VAL A 200 -6.90 20.40 3.89
C VAL A 200 -6.96 20.63 5.40
N ASN A 201 -5.81 20.46 6.07
CA ASN A 201 -5.65 20.73 7.51
C ASN A 201 -4.65 21.88 7.80
N GLU A 202 -5.13 22.91 8.52
CA GLU A 202 -4.33 24.08 8.93
C GLU A 202 -2.97 23.76 9.64
N LYS A 203 -2.91 22.63 10.36
CA LYS A 203 -1.72 22.20 11.09
C LYS A 203 -0.86 21.18 10.35
N ALA A 204 -1.27 20.80 9.14
CA ALA A 204 -0.48 19.81 8.37
C ALA A 204 0.64 20.48 7.62
N SER A 205 1.70 19.69 7.42
CA SER A 205 2.92 20.13 6.82
C SER A 205 3.11 19.41 5.49
N LYS A 206 3.56 20.15 4.49
CA LYS A 206 4.03 19.56 3.23
C LYS A 206 5.48 19.11 3.30
N GLU A 207 6.21 19.61 4.29
CA GLU A 207 7.61 19.24 4.49
C GLU A 207 7.75 17.92 5.25
N ALA A 208 6.92 17.69 6.26
CA ALA A 208 7.04 16.51 7.12
C ALA A 208 6.57 15.24 6.42
N LYS A 209 7.36 14.18 6.59
CA LYS A 209 7.11 12.92 5.90
C LYS A 209 6.93 11.82 6.93
N VAL A 210 6.44 10.67 6.45
CA VAL A 210 6.14 9.51 7.28
C VAL A 210 6.71 8.25 6.64
N GLN A 211 7.51 7.51 7.41
CA GLN A 211 8.00 6.21 6.93
C GLN A 211 7.51 5.15 7.88
N ALA A 212 6.88 4.11 7.34
CA ALA A 212 6.39 2.97 8.15
C ALA A 212 7.36 1.82 8.11
N LEU A 213 7.71 1.31 9.30
CA LEU A 213 8.53 0.11 9.44
C LEU A 213 7.60 -1.03 9.85
N SER A 214 7.11 -1.77 8.86
CA SER A 214 6.02 -2.73 9.11
C SER A 214 6.38 -4.20 8.92
N ASN A 215 5.95 -5.02 9.87
CA ASN A 215 5.97 -6.47 9.77
C ASN A 215 4.69 -6.79 9.03
N THR A 216 4.81 -6.81 7.70
CA THR A 216 3.62 -6.77 6.85
C THR A 216 2.88 -8.10 6.70
N ASN A 217 3.56 -9.22 6.96
CA ASN A 217 3.03 -10.52 6.54
C ASN A 217 2.65 -11.42 7.69
N SER A 218 1.81 -12.41 7.40
CA SER A 218 1.57 -13.52 8.33
C SER A 218 2.89 -14.07 8.83
N LYS A 219 2.91 -14.56 10.07
CA LYS A 219 4.08 -15.28 10.54
C LYS A 219 3.83 -16.80 10.61
N ALA A 220 2.62 -17.22 10.24
CA ALA A 220 2.29 -18.63 10.09
C ALA A 220 3.34 -19.40 9.27
N LYS A 221 3.70 -20.58 9.78
CA LYS A 221 4.72 -21.46 9.22
C LYS A 221 4.70 -21.64 7.69
N ASP A 222 3.57 -22.01 7.11
CA ASP A 222 3.60 -22.29 5.66
C ASP A 222 2.82 -21.21 4.88
N HIS A 223 3.00 -19.93 5.25
CA HIS A 223 2.24 -18.88 4.58
C HIS A 223 2.88 -18.54 3.23
N ALA A 224 2.04 -18.21 2.25
CA ALA A 224 2.48 -17.80 0.92
C ALA A 224 2.93 -16.33 0.89
N SER A 225 3.86 -16.03 -0.02
CA SER A 225 4.37 -14.66 -0.20
C SER A 225 3.38 -13.75 -0.93
N VAL A 226 2.29 -14.33 -1.46
CA VAL A 226 1.22 -13.58 -2.13
C VAL A 226 0.01 -13.24 -1.26
N GLY A 227 -0.10 -13.87 -0.11
CA GLY A 227 -1.26 -13.75 0.75
C GLY A 227 -1.79 -15.12 1.13
N GLY A 228 -3.10 -15.26 1.13
CA GLY A 228 -3.69 -16.51 1.55
C GLY A 228 -5.19 -16.51 1.69
N GLU A 229 -5.73 -17.66 2.06
CA GLU A 229 -7.20 -17.83 2.11
C GLU A 229 -7.68 -17.44 3.51
N GLU A 230 -7.35 -16.21 3.90
CA GLU A 230 -7.80 -15.65 5.19
C GLU A 230 -8.00 -14.13 5.07
N PHE A 231 -9.05 -13.64 5.73
CA PHE A 231 -9.44 -12.24 5.67
C PHE A 231 -8.44 -11.38 6.44
N LYS A 232 -8.20 -11.73 7.70
CA LYS A 232 -7.35 -10.94 8.58
C LYS A 232 -5.91 -10.84 8.06
N ALA A 233 -5.45 -9.60 7.91
CA ALA A 233 -4.19 -9.27 7.28
C ALA A 233 -3.89 -7.80 7.50
N TYR A 234 -2.62 -7.43 7.39
CA TYR A 234 -2.22 -6.02 7.39
C TYR A 234 -2.57 -5.47 6.01
N ALA A 235 -3.86 -5.18 5.79
CA ALA A 235 -4.33 -4.78 4.48
C ALA A 235 -4.23 -3.26 4.43
N PHE A 236 -3.00 -2.78 4.47
CA PHE A 236 -2.71 -1.34 4.51
C PHE A 236 -3.27 -0.54 3.33
N ASP A 237 -3.95 0.57 3.61
CA ASP A 237 -4.51 1.40 2.57
C ASP A 237 -4.41 2.90 2.86
N TYR A 238 -3.52 3.27 3.80
CA TYR A 238 -3.33 4.64 4.18
C TYR A 238 -2.06 5.18 3.51
N TRP A 239 -1.83 4.72 2.27
CA TRP A 239 -0.68 5.10 1.44
C TRP A 239 -0.54 6.61 1.25
N GLN A 240 -1.69 7.30 1.24
CA GLN A 240 -1.71 8.77 0.96
C GLN A 240 -0.92 9.63 1.98
N TYR A 241 -0.64 9.07 3.15
CA TYR A 241 0.15 9.74 4.21
C TYR A 241 1.58 9.23 4.33
N LEU A 242 1.95 8.24 3.49
CA LEU A 242 3.31 7.68 3.53
C LEU A 242 4.28 8.18 2.46
N ASP A 243 5.50 8.46 2.92
CA ASP A 243 6.71 8.60 2.08
C ASP A 243 7.17 7.23 1.51
N SER A 244 7.15 6.22 2.37
CA SER A 244 7.69 4.95 1.96
C SER A 244 7.25 3.92 3.00
N MET A 245 7.26 2.67 2.56
CA MET A 245 6.92 1.57 3.44
C MET A 245 8.14 0.64 3.50
N VAL A 246 8.56 0.30 4.71
CA VAL A 246 9.73 -0.56 4.92
C VAL A 246 9.16 -1.91 5.33
N PHE A 247 9.50 -2.91 4.52
CA PHE A 247 9.20 -4.32 4.77
C PHE A 247 10.20 -4.78 5.82
N TRP A 248 9.74 -4.80 7.07
CA TRP A 248 10.62 -5.00 8.20
C TRP A 248 11.11 -6.44 8.32
N GLU A 249 10.36 -7.39 7.80
CA GLU A 249 10.64 -8.79 8.19
C GLU A 249 11.75 -9.45 7.37
N GLY A 250 12.24 -8.80 6.32
CA GLY A 250 13.28 -9.43 5.55
C GLY A 250 13.87 -8.54 4.51
N LEU A 251 14.82 -9.12 3.77
CA LEU A 251 15.58 -8.40 2.78
C LEU A 251 14.83 -8.04 1.50
N VAL A 252 13.94 -8.93 1.10
CA VAL A 252 13.22 -8.83 -0.16
C VAL A 252 11.71 -8.76 0.14
N PRO A 253 11.10 -7.57 -0.12
CA PRO A 253 9.63 -7.42 0.06
C PRO A 253 8.87 -8.43 -0.83
N THR A 254 7.72 -8.86 -0.34
CA THR A 254 6.84 -9.77 -1.10
C THR A 254 6.06 -9.01 -2.19
N PRO A 255 5.63 -9.74 -3.27
CA PRO A 255 4.94 -9.08 -4.37
C PRO A 255 3.61 -8.46 -3.92
N ASP A 256 2.97 -9.00 -2.88
CA ASP A 256 1.67 -8.46 -2.47
C ASP A 256 1.83 -7.06 -1.88
N VAL A 257 2.92 -6.85 -1.16
CA VAL A 257 3.27 -5.51 -0.62
C VAL A 257 3.79 -4.56 -1.71
N ILE A 258 4.69 -5.06 -2.56
CA ILE A 258 5.26 -4.23 -3.60
C ILE A 258 4.19 -3.68 -4.54
N ASP A 259 3.32 -4.59 -5.00
CA ASP A 259 2.26 -4.24 -5.97
C ASP A 259 1.29 -3.22 -5.35
N ALA A 260 0.84 -3.49 -4.12
CA ALA A 260 -0.05 -2.56 -3.41
C ALA A 260 0.58 -1.15 -3.26
N GLY A 261 1.83 -1.08 -2.79
CA GLY A 261 2.51 0.18 -2.55
C GLY A 261 2.66 0.94 -3.86
N HIS A 262 3.13 0.23 -4.90
CA HIS A 262 3.43 0.85 -6.19
C HIS A 262 2.18 1.41 -6.91
N ARG A 263 1.10 0.66 -6.89
CA ARG A 263 -0.20 1.16 -7.41
C ARG A 263 -0.59 2.50 -6.77
N ASN A 264 -0.34 2.62 -5.46
CA ASN A 264 -0.58 3.85 -4.68
C ASN A 264 0.57 4.89 -4.67
N GLY A 265 1.61 4.67 -5.49
CA GLY A 265 2.75 5.59 -5.59
C GLY A 265 3.68 5.68 -4.39
N VAL A 266 3.75 4.59 -3.60
CA VAL A 266 4.64 4.52 -2.43
C VAL A 266 5.81 3.54 -2.68
N PRO A 267 7.05 4.05 -2.59
CA PRO A 267 8.18 3.11 -2.70
C PRO A 267 8.24 2.13 -1.52
N VAL A 268 8.74 0.95 -1.82
CA VAL A 268 8.78 -0.14 -0.85
C VAL A 268 10.24 -0.63 -0.66
N TYR A 269 10.71 -0.61 0.58
CA TYR A 269 12.08 -1.03 0.87
C TYR A 269 12.20 -2.33 1.65
N GLY A 270 13.23 -3.09 1.32
CA GLY A 270 13.58 -4.29 2.10
C GLY A 270 14.43 -3.85 3.30
N THR A 271 14.60 -4.75 4.25
CA THR A 271 15.38 -4.43 5.44
C THR A 271 16.65 -5.28 5.53
N LEU A 272 17.78 -4.61 5.72
CA LEU A 272 19.06 -5.29 5.96
C LEU A 272 19.36 -5.09 7.45
N PHE A 273 19.20 -6.15 8.24
CA PHE A 273 19.26 -6.07 9.68
C PHE A 273 20.50 -6.83 10.17
N PHE A 274 21.38 -6.13 10.89
CA PHE A 274 22.51 -6.79 11.54
C PHE A 274 22.16 -6.86 13.02
N ASN A 275 22.25 -8.07 13.56
CA ASN A 275 21.82 -8.37 14.92
C ASN A 275 22.34 -7.48 16.04
N TRP A 276 21.48 -7.20 16.99
CA TRP A 276 21.86 -6.47 18.18
C TRP A 276 22.73 -7.45 18.98
N SER A 277 24.04 -7.28 18.87
CA SER A 277 24.99 -8.32 19.29
C SER A 277 26.40 -7.76 19.24
N ASN A 278 27.29 -8.31 20.04
CA ASN A 278 28.73 -8.15 19.83
C ASN A 278 29.45 -9.51 19.68
N SER A 279 28.71 -10.56 19.37
CA SER A 279 29.30 -11.90 19.17
C SER A 279 30.23 -11.82 17.96
N ILE A 280 31.33 -12.57 17.99
CA ILE A 280 32.24 -12.57 16.86
C ILE A 280 31.54 -12.98 15.54
N ALA A 281 30.67 -13.97 15.63
CA ALA A 281 29.86 -14.42 14.49
C ALA A 281 29.12 -13.22 13.84
N ASP A 282 28.46 -12.41 14.66
CA ASP A 282 27.72 -11.26 14.16
C ASP A 282 28.64 -10.15 13.65
N GLN A 283 29.72 -9.86 14.39
CA GLN A 283 30.65 -8.87 13.88
C GLN A 283 31.21 -9.33 12.53
N GLU A 284 31.53 -10.63 12.39
CA GLU A 284 32.02 -11.18 11.10
C GLU A 284 30.99 -11.10 9.96
N ARG A 285 29.74 -11.39 10.28
CA ARG A 285 28.64 -11.27 9.32
C ARG A 285 28.59 -9.83 8.79
N PHE A 286 28.74 -8.87 9.70
CA PHE A 286 28.80 -7.47 9.33
C PHE A 286 30.04 -7.16 8.46
N ALA A 287 31.25 -7.51 8.95
CA ALA A 287 32.48 -7.25 8.16
C ALA A 287 32.42 -7.85 6.74
N GLU A 288 31.85 -9.06 6.66
CA GLU A 288 31.71 -9.83 5.42
C GLU A 288 30.82 -9.09 4.37
N ALA A 289 29.75 -8.43 4.83
CA ALA A 289 28.90 -7.63 3.96
C ALA A 289 29.67 -6.48 3.30
N LEU A 290 30.70 -5.98 3.98
CA LEU A 290 31.50 -4.88 3.46
C LEU A 290 32.78 -5.30 2.74
N LYS A 291 32.88 -6.57 2.38
CA LYS A 291 34.03 -7.07 1.60
C LYS A 291 34.10 -6.35 0.26
N GLN A 292 35.31 -5.96 -0.16
CA GLN A 292 35.48 -5.30 -1.45
C GLN A 292 36.25 -6.12 -2.46
N ASP A 293 35.88 -5.98 -3.73
CA ASP A 293 36.72 -6.53 -4.82
C ASP A 293 37.96 -5.69 -5.01
N ALA A 294 38.86 -6.18 -5.85
CA ALA A 294 40.08 -5.46 -6.24
C ALA A 294 39.82 -3.97 -6.39
N ASP A 295 38.86 -3.61 -7.24
CA ASP A 295 38.52 -2.20 -7.54
C ASP A 295 37.98 -1.34 -6.38
N GLY A 296 37.59 -1.95 -5.27
CA GLY A 296 36.96 -1.22 -4.17
C GLY A 296 35.43 -1.31 -4.22
N SER A 297 34.91 -2.02 -5.23
CA SER A 297 33.47 -2.29 -5.32
C SER A 297 33.02 -3.34 -4.28
N PHE A 298 31.73 -3.30 -3.93
CA PHE A 298 31.18 -4.21 -2.92
C PHE A 298 30.28 -5.26 -3.55
N PRO A 299 30.74 -6.53 -3.66
CA PRO A 299 29.90 -7.56 -4.29
C PRO A 299 28.53 -7.79 -3.63
N ILE A 300 28.44 -7.72 -2.30
CA ILE A 300 27.14 -7.78 -1.62
C ILE A 300 26.20 -6.62 -2.00
N ALA A 301 26.73 -5.40 -2.06
CA ALA A 301 25.96 -4.24 -2.52
C ALA A 301 25.36 -4.46 -3.92
N ARG A 302 26.16 -5.01 -4.84
CA ARG A 302 25.68 -5.39 -6.18
C ARG A 302 24.50 -6.35 -6.15
N LYS A 303 24.59 -7.42 -5.37
CA LYS A 303 23.48 -8.37 -5.31
C LYS A 303 22.21 -7.71 -4.77
N LEU A 304 22.38 -6.79 -3.81
CA LEU A 304 21.25 -6.11 -3.20
C LEU A 304 20.53 -5.25 -4.24
N VAL A 305 21.32 -4.54 -5.04
CA VAL A 305 20.79 -3.72 -6.13
C VAL A 305 20.19 -4.58 -7.27
N ASP A 306 20.86 -5.68 -7.61
CA ASP A 306 20.35 -6.59 -8.66
C ASP A 306 18.97 -7.14 -8.28
N MET A 307 18.81 -7.54 -7.01
CA MET A 307 17.52 -8.00 -6.51
C MET A 307 16.45 -6.92 -6.48
N ALA A 308 16.81 -5.69 -6.08
CA ALA A 308 15.86 -4.56 -6.10
C ALA A 308 15.36 -4.36 -7.51
N LYS A 309 16.27 -4.42 -8.48
CA LYS A 309 15.89 -4.26 -9.88
C LYS A 309 15.01 -5.41 -10.40
N TYR A 310 15.44 -6.64 -10.13
CA TYR A 310 14.71 -7.83 -10.61
C TYR A 310 13.27 -8.01 -10.02
N TYR A 311 13.17 -8.05 -8.69
CA TYR A 311 11.88 -8.12 -7.99
C TYR A 311 11.09 -6.80 -7.97
N GLY A 312 11.73 -5.70 -8.35
CA GLY A 312 11.02 -4.44 -8.59
C GLY A 312 10.69 -3.68 -7.32
N TYR A 313 11.65 -3.57 -6.41
CA TYR A 313 11.45 -2.70 -5.21
C TYR A 313 12.52 -1.59 -5.12
N ASP A 314 12.46 -0.71 -4.12
CA ASP A 314 13.02 0.62 -4.32
C ASP A 314 14.27 0.95 -3.49
N GLY A 315 14.74 -0.02 -2.70
CA GLY A 315 15.93 0.20 -1.91
C GLY A 315 15.82 -0.49 -0.58
N TYR A 316 16.62 -0.02 0.39
CA TYR A 316 16.77 -0.74 1.65
C TYR A 316 16.75 0.16 2.87
N PHE A 317 16.30 -0.42 3.96
CA PHE A 317 16.48 0.15 5.30
C PHE A 317 17.55 -0.65 6.03
N ILE A 318 18.60 0.01 6.49
CA ILE A 318 19.68 -0.68 7.16
C ILE A 318 19.59 -0.40 8.65
N ASN A 319 19.47 -1.49 9.41
CA ASN A 319 19.41 -1.47 10.85
C ASN A 319 20.68 -2.17 11.37
N GLN A 320 21.72 -1.39 11.60
CA GLN A 320 23.05 -1.91 11.93
C GLN A 320 23.26 -1.88 13.47
N GLU A 321 22.77 -2.92 14.14
CA GLU A 321 22.82 -3.00 15.59
C GLU A 321 24.01 -3.82 16.15
N THR A 322 24.88 -4.30 15.25
CA THR A 322 26.03 -5.14 15.67
C THR A 322 27.14 -4.22 16.14
N THR A 323 27.79 -4.60 17.25
CA THR A 323 28.84 -3.74 17.82
C THR A 323 30.09 -4.54 18.17
N GLY A 324 31.16 -3.84 18.53
CA GLY A 324 32.38 -4.51 19.02
C GLY A 324 33.66 -4.10 18.32
N ASP A 325 34.77 -4.74 18.70
CA ASP A 325 36.09 -4.30 18.20
C ASP A 325 36.29 -4.40 16.69
N LEU A 326 35.68 -5.42 16.07
CA LEU A 326 35.76 -5.61 14.62
C LEU A 326 34.84 -4.63 13.85
N VAL A 327 33.84 -4.11 14.53
CA VAL A 327 32.83 -3.24 13.96
C VAL A 327 33.31 -1.78 13.92
N LYS A 328 33.91 -1.35 15.02
CA LYS A 328 34.33 0.05 15.21
C LYS A 328 35.04 0.76 14.06
N PRO A 329 36.05 0.11 13.44
CA PRO A 329 36.79 0.78 12.36
C PRO A 329 36.12 0.82 11.01
N LEU A 330 34.89 0.31 10.91
CA LEU A 330 34.21 0.14 9.62
C LEU A 330 33.19 1.21 9.21
N GLY A 331 33.21 2.38 9.87
CA GLY A 331 32.29 3.50 9.58
C GLY A 331 32.39 3.99 8.15
N GLU A 332 33.61 4.31 7.70
CA GLU A 332 33.85 4.71 6.29
C GLU A 332 33.47 3.66 5.24
N LYS A 333 33.76 2.37 5.52
CA LYS A 333 33.36 1.32 4.58
C LYS A 333 31.87 1.16 4.54
N MET A 334 31.21 1.30 5.68
CA MET A 334 29.73 1.24 5.69
C MET A 334 29.17 2.40 4.84
N ARG A 335 29.72 3.58 5.07
CA ARG A 335 29.31 4.76 4.32
C ARG A 335 29.56 4.58 2.82
N GLN A 336 30.74 4.09 2.44
CA GLN A 336 31.05 3.87 1.02
C GLN A 336 30.24 2.74 0.39
N PHE A 337 29.91 1.70 1.15
CA PHE A 337 28.93 0.67 0.68
C PHE A 337 27.61 1.32 0.19
N MET A 338 27.09 2.30 0.94
CA MET A 338 25.87 2.98 0.55
C MET A 338 26.05 3.84 -0.70
N LEU A 339 27.12 4.65 -0.71
CA LEU A 339 27.47 5.44 -1.89
C LEU A 339 27.74 4.59 -3.11
N TYR A 340 28.62 3.59 -2.99
CA TYR A 340 28.84 2.60 -4.08
C TYR A 340 27.53 2.00 -4.65
N SER A 341 26.71 1.41 -3.76
CA SER A 341 25.38 0.86 -4.11
C SER A 341 24.63 1.77 -5.09
N LYS A 342 24.58 3.05 -4.76
CA LYS A 342 23.75 3.99 -5.52
C LYS A 342 24.37 4.34 -6.85
N GLU A 343 25.70 4.42 -6.88
CA GLU A 343 26.43 4.50 -8.16
C GLU A 343 26.13 3.29 -9.05
N TYR A 344 26.27 2.08 -8.55
CA TYR A 344 25.96 0.87 -9.32
C TYR A 344 24.46 0.84 -9.77
N ALA A 345 23.56 1.25 -8.88
CA ALA A 345 22.12 1.22 -9.17
C ALA A 345 21.76 2.18 -10.30
N ALA A 346 22.37 3.36 -10.29
CA ALA A 346 22.20 4.33 -11.39
C ALA A 346 22.76 3.73 -12.70
N LYS A 347 23.88 3.02 -12.59
CA LYS A 347 24.49 2.35 -13.74
C LYS A 347 23.63 1.22 -14.33
N VAL A 348 22.86 0.51 -13.49
CA VAL A 348 21.95 -0.52 -14.01
C VAL A 348 20.54 0.04 -14.25
N ASN A 349 20.42 1.37 -14.26
CA ASN A 349 19.14 2.07 -14.47
C ASN A 349 18.00 1.62 -13.51
N HIS A 350 18.33 1.41 -12.24
CA HIS A 350 17.31 1.18 -11.24
C HIS A 350 17.79 1.82 -9.94
N PRO A 351 17.70 3.15 -9.85
CA PRO A 351 18.14 3.88 -8.67
C PRO A 351 17.43 3.38 -7.43
N ILE A 352 18.17 3.34 -6.35
CA ILE A 352 17.64 2.98 -5.05
C ILE A 352 17.92 4.09 -4.02
N LYS A 353 17.19 4.05 -2.91
CA LYS A 353 17.42 4.91 -1.77
C LYS A 353 17.79 4.04 -0.59
N TYR A 354 18.56 4.60 0.34
CA TYR A 354 18.83 3.94 1.63
C TYR A 354 18.25 4.74 2.77
N SER A 355 17.73 4.01 3.76
CA SER A 355 17.33 4.59 5.05
C SER A 355 18.18 3.92 6.09
N TRP A 356 18.48 4.69 7.12
CA TRP A 356 19.49 4.28 8.08
C TRP A 356 19.03 4.48 9.52
N TYR A 357 19.14 3.40 10.30
CA TYR A 357 18.78 3.48 11.71
C TYR A 357 19.90 4.13 12.52
N ASP A 358 19.52 5.02 13.42
CA ASP A 358 20.41 5.59 14.46
C ASP A 358 20.92 4.50 15.44
N ALA A 359 22.01 3.84 15.05
CA ALA A 359 22.55 2.74 15.84
C ALA A 359 24.09 2.71 15.75
N MET A 360 24.64 2.20 14.65
CA MET A 360 26.08 2.25 14.40
C MET A 360 26.58 3.67 14.23
N THR A 361 27.47 4.09 15.13
CA THR A 361 28.15 5.39 14.96
C THR A 361 29.29 5.20 13.96
N TYR A 362 29.79 6.31 13.40
CA TYR A 362 30.92 6.28 12.45
C TYR A 362 32.21 5.68 13.04
N ASN A 363 32.52 6.10 14.25
CA ASN A 363 33.81 5.73 14.86
C ASN A 363 33.75 4.95 16.16
N TYR A 364 32.57 4.75 16.75
CA TYR A 364 32.52 4.21 18.12
C TYR A 364 31.57 3.05 18.32
N GLY A 365 31.19 2.34 17.26
CA GLY A 365 30.29 1.18 17.40
C GLY A 365 28.87 1.62 17.72
N ARG A 366 28.07 0.74 18.33
CA ARG A 366 26.64 1.02 18.58
C ARG A 366 26.46 2.04 19.67
N TYR A 367 25.71 3.10 19.37
CA TYR A 367 25.27 4.10 20.35
C TYR A 367 24.15 4.93 19.71
N HIS A 368 22.93 4.79 20.23
CA HIS A 368 21.78 5.55 19.77
C HIS A 368 21.86 6.98 20.31
N GLN A 369 21.79 7.97 19.44
CA GLN A 369 21.81 9.37 19.88
C GLN A 369 20.38 9.88 20.11
N ASP A 370 19.39 9.06 19.71
CA ASP A 370 17.97 9.47 19.64
C ASP A 370 17.85 10.70 18.77
N GLY A 371 18.62 10.73 17.67
CA GLY A 371 18.73 11.90 16.84
C GLY A 371 19.97 11.83 15.97
N LEU A 372 20.15 12.90 15.18
CA LEU A 372 21.31 13.09 14.34
C LEU A 372 22.27 13.95 15.18
N GLY A 373 23.49 13.47 15.38
CA GLY A 373 24.45 14.24 16.16
C GLY A 373 25.91 14.06 15.77
N GLU A 374 26.77 14.36 16.75
CA GLU A 374 28.21 14.41 16.51
C GLU A 374 28.85 13.04 16.26
N TYR A 375 28.11 11.95 16.52
CA TYR A 375 28.66 10.61 16.32
C TYR A 375 28.13 9.87 15.09
N ASN A 376 27.05 10.37 14.50
CA ASN A 376 26.45 9.69 13.34
C ASN A 376 26.13 10.56 12.10
N TYR A 377 26.46 11.86 12.13
CA TYR A 377 26.21 12.76 11.00
C TYR A 377 26.87 12.29 9.69
N GLN A 378 27.98 11.56 9.82
CA GLN A 378 28.75 11.07 8.68
C GLN A 378 27.90 10.23 7.71
N PHE A 379 26.93 9.49 8.25
CA PHE A 379 26.07 8.68 7.41
C PHE A 379 25.06 9.48 6.58
N MET A 380 24.86 10.76 6.91
CA MET A 380 24.03 11.68 6.15
C MET A 380 24.85 12.71 5.35
N GLN A 381 26.16 12.68 5.52
CA GLN A 381 27.03 13.72 5.00
C GLN A 381 27.04 13.73 3.48
N PRO A 382 26.73 14.89 2.86
CA PRO A 382 26.82 15.07 1.41
C PRO A 382 28.24 14.82 0.88
N GLU A 383 28.32 14.04 -0.19
CA GLU A 383 29.55 13.62 -0.84
C GLU A 383 29.45 14.15 -2.27
N GLY A 384 30.00 15.35 -2.50
CA GLY A 384 29.74 16.06 -3.76
C GLY A 384 28.25 16.38 -3.74
N ASP A 385 27.54 16.00 -4.81
CA ASP A 385 26.08 16.09 -4.87
C ASP A 385 25.32 14.77 -4.52
N LYS A 386 26.02 13.80 -3.93
CA LYS A 386 25.41 12.53 -3.49
C LYS A 386 25.35 12.45 -1.96
N VAL A 387 24.59 11.49 -1.43
CA VAL A 387 24.57 11.26 0.03
C VAL A 387 24.57 9.76 0.27
N PRO A 388 25.04 9.31 1.46
CA PRO A 388 25.04 7.90 1.76
C PRO A 388 23.62 7.49 2.15
N ALA A 389 23.15 7.87 3.35
CA ALA A 389 21.76 7.60 3.74
C ALA A 389 20.87 8.70 3.18
N ASP A 390 19.77 8.33 2.53
CA ASP A 390 18.76 9.31 2.11
C ASP A 390 17.86 9.72 3.27
N ASN A 391 17.45 8.72 4.05
CA ASN A 391 16.61 8.90 5.24
C ASN A 391 17.33 8.37 6.48
N PHE A 392 17.13 9.06 7.61
CA PHE A 392 17.70 8.69 8.88
C PHE A 392 16.55 8.41 9.89
N PHE A 393 16.62 7.30 10.61
CA PHE A 393 15.57 6.94 11.57
C PHE A 393 16.11 7.15 12.98
N ALA A 394 15.64 8.21 13.65
CA ALA A 394 16.10 8.53 15.01
C ALA A 394 15.51 7.56 16.03
N ASN A 395 16.36 7.11 16.94
CA ASN A 395 15.91 6.22 18.00
C ASN A 395 14.85 6.92 18.91
N PHE A 396 14.06 6.12 19.63
CA PHE A 396 12.77 6.52 20.21
C PHE A 396 12.85 7.48 21.39
N ASN A 397 14.02 7.60 22.03
CA ASN A 397 14.14 8.43 23.26
CA ASN A 397 14.13 8.41 23.26
C ASN A 397 14.55 9.87 22.98
N TRP A 398 13.97 10.44 21.93
CA TRP A 398 14.19 11.84 21.62
C TRP A 398 13.38 12.76 22.59
N ASP A 399 13.80 14.02 22.65
CA ASP A 399 13.15 15.07 23.44
C ASP A 399 13.43 16.42 22.77
N LYS A 400 13.08 17.51 23.44
CA LYS A 400 13.22 18.82 22.84
C LYS A 400 14.67 19.12 22.47
N ALA A 401 15.58 19.02 23.43
CA ALA A 401 17.03 19.23 23.21
C ALA A 401 17.60 18.36 22.06
N LYS A 402 17.27 17.07 22.06
CA LYS A 402 17.79 16.16 21.04
C LYS A 402 17.28 16.54 19.65
N ASN A 403 16.02 16.96 19.59
CA ASN A 403 15.40 17.40 18.32
C ASN A 403 16.01 18.70 17.82
N ASP A 404 16.22 19.65 18.73
CA ASP A 404 16.97 20.87 18.44
C ASP A 404 18.36 20.51 17.87
N TYR A 405 19.04 19.59 18.53
CA TYR A 405 20.38 19.15 18.14
C TYR A 405 20.35 18.48 16.76
N THR A 406 19.32 17.68 16.52
CA THR A 406 19.14 17.05 15.22
C THR A 406 19.02 18.06 14.09
N ILE A 407 18.13 19.02 14.28
CA ILE A 407 17.89 20.10 13.32
C ILE A 407 19.16 20.89 13.09
N ALA A 408 19.86 21.26 14.17
CA ALA A 408 21.12 21.99 14.04
C ALA A 408 22.16 21.18 13.25
N THR A 409 22.24 19.88 13.50
CA THR A 409 23.28 19.04 12.88
C THR A 409 22.97 18.89 11.38
N ALA A 410 21.69 18.60 11.07
CA ALA A 410 21.24 18.45 9.67
C ALA A 410 21.56 19.73 8.91
N ASN A 411 21.21 20.87 9.51
CA ASN A 411 21.42 22.15 8.83
C ASN A 411 22.91 22.40 8.57
N TRP A 412 23.74 22.11 9.58
CA TRP A 412 25.18 22.35 9.46
C TRP A 412 25.84 21.53 8.34
N ILE A 413 25.44 20.27 8.19
CA ILE A 413 25.99 19.42 7.13
C ILE A 413 25.34 19.59 5.74
N GLY A 414 24.30 20.42 5.67
CA GLY A 414 23.60 20.71 4.44
C GLY A 414 22.60 19.64 4.08
N ARG A 415 21.88 19.09 5.07
CA ARG A 415 20.77 18.16 4.80
C ARG A 415 19.46 18.77 5.28
N ASN A 416 18.36 18.38 4.62
CA ASN A 416 17.04 18.75 5.06
C ASN A 416 16.72 18.02 6.37
N PRO A 417 16.43 18.78 7.44
CA PRO A 417 16.02 18.16 8.71
C PRO A 417 14.87 17.16 8.58
N TYR A 418 14.01 17.38 7.58
CA TYR A 418 12.89 16.44 7.34
C TYR A 418 13.27 15.08 6.73
N ASP A 419 14.55 14.91 6.39
CA ASP A 419 15.05 13.57 6.07
C ASP A 419 15.34 12.74 7.32
N VAL A 420 15.18 13.35 8.49
CA VAL A 420 15.25 12.64 9.77
C VAL A 420 13.83 12.38 10.25
N PHE A 421 13.59 11.09 10.55
CA PHE A 421 12.31 10.53 10.95
C PHE A 421 12.42 10.12 12.42
N ALA A 422 11.76 10.91 13.26
CA ALA A 422 11.75 10.66 14.70
C ALA A 422 10.92 9.39 15.02
N GLY A 423 11.60 8.42 15.61
CA GLY A 423 10.97 7.13 15.83
C GLY A 423 9.84 7.15 16.84
N LEU A 424 8.75 6.46 16.51
CA LEU A 424 7.64 6.17 17.46
C LEU A 424 7.59 4.65 17.72
N GLU A 425 7.72 4.25 18.99
CA GLU A 425 7.77 2.83 19.36
C GLU A 425 6.33 2.35 19.55
N LEU A 426 5.71 1.92 18.45
CA LEU A 426 4.25 1.65 18.43
C LEU A 426 3.92 0.23 18.89
N GLN A 427 4.97 -0.59 18.97
CA GLN A 427 4.84 -1.95 19.45
C GLN A 427 4.73 -1.96 20.97
N GLN A 428 5.74 -1.42 21.65
CA GLN A 428 5.62 -1.24 23.09
C GLN A 428 4.55 -0.19 23.47
N GLY A 429 4.24 0.73 22.54
CA GLY A 429 3.25 1.77 22.80
C GLY A 429 1.78 1.35 22.64
N GLY A 430 1.51 0.40 21.76
CA GLY A 430 0.14 0.02 21.43
C GLY A 430 -0.50 0.91 20.37
N SER A 431 0.21 1.13 19.26
CA SER A 431 -0.33 1.93 18.13
C SER A 431 -0.67 3.38 18.56
N TYR A 432 -1.91 3.83 18.34
CA TYR A 432 -2.31 5.21 18.67
C TYR A 432 -2.44 5.46 20.18
N LYS A 433 -2.27 4.41 20.99
CA LYS A 433 -2.15 4.56 22.45
C LYS A 433 -0.73 4.90 22.90
N THR A 434 0.22 4.91 21.95
CA THR A 434 1.63 5.24 22.27
C THR A 434 1.76 6.67 22.82
N LYS A 435 2.41 6.80 23.99
CA LYS A 435 2.56 8.10 24.68
C LYS A 435 3.69 8.96 24.08
N VAL A 436 3.41 9.62 22.96
CA VAL A 436 4.40 10.45 22.24
C VAL A 436 4.63 11.85 22.84
N LYS A 437 5.90 12.26 22.95
CA LYS A 437 6.23 13.61 23.40
C LYS A 437 5.97 14.66 22.32
N TRP A 438 4.70 14.81 21.93
CA TRP A 438 4.32 15.78 20.89
C TRP A 438 4.88 17.17 21.12
N ASN A 439 4.90 17.60 22.39
CA ASN A 439 5.42 18.94 22.75
C ASN A 439 6.89 19.18 22.32
N ASP A 440 7.61 18.09 22.06
CA ASP A 440 9.02 18.17 21.73
C ASP A 440 9.30 18.18 20.22
N ILE A 441 8.27 17.88 19.43
CA ILE A 441 8.42 17.73 18.00
C ILE A 441 7.50 18.68 17.20
N LEU A 442 6.47 19.22 17.86
CA LEU A 442 5.62 20.26 17.26
C LEU A 442 6.13 21.62 17.64
N ASP A 443 6.17 22.53 16.67
CA ASP A 443 6.62 23.91 16.89
C ASP A 443 5.51 24.75 17.56
N GLU A 444 5.70 26.07 17.62
CA GLU A 444 4.77 26.98 18.28
C GLU A 444 3.40 26.98 17.60
N ASN A 445 3.38 26.71 16.28
CA ASN A 445 2.17 26.69 15.46
C ASN A 445 1.46 25.35 15.43
N GLY A 446 1.93 24.40 16.23
CA GLY A 446 1.35 23.07 16.26
C GLY A 446 1.81 22.20 15.10
N LYS A 447 2.93 22.55 14.49
CA LYS A 447 3.42 21.87 13.28
C LYS A 447 4.74 21.11 13.44
N LEU A 448 4.84 19.97 12.74
CA LEU A 448 5.98 19.05 12.90
C LEU A 448 7.29 19.74 12.51
N ARG A 449 8.30 19.59 13.36
CA ARG A 449 9.64 20.11 13.08
C ARG A 449 10.57 19.01 12.54
N LEU A 450 10.12 17.75 12.62
CA LEU A 450 10.83 16.61 12.05
C LEU A 450 9.82 15.68 11.38
N SER A 451 10.34 14.68 10.69
CA SER A 451 9.47 13.71 10.08
C SER A 451 9.18 12.62 11.14
N LEU A 452 8.31 11.69 10.81
CA LEU A 452 7.87 10.67 11.74
C LEU A 452 8.17 9.26 11.25
N GLY A 453 8.85 8.49 12.10
CA GLY A 453 9.13 7.09 11.88
C GLY A 453 8.22 6.18 12.66
N LEU A 454 7.40 5.39 11.96
CA LEU A 454 6.43 4.51 12.65
C LEU A 454 7.04 3.13 12.81
N PHE A 455 7.41 2.77 14.04
CA PHE A 455 7.98 1.45 14.27
C PHE A 455 6.87 0.44 14.59
N ALA A 456 6.78 -0.62 13.79
CA ALA A 456 5.82 -1.71 13.96
C ALA A 456 4.36 -1.22 14.07
N PRO A 457 3.90 -0.36 13.13
CA PRO A 457 2.49 0.10 13.17
C PRO A 457 1.48 -1.05 12.91
N ASP A 458 1.94 -2.09 12.20
CA ASP A 458 1.18 -3.34 12.00
C ASP A 458 0.66 -3.95 13.32
N THR A 459 1.30 -3.56 14.44
CA THR A 459 0.84 -3.83 15.81
C THR A 459 -0.66 -3.56 15.98
N ILE A 460 -1.17 -2.59 15.23
CA ILE A 460 -2.58 -2.16 15.30
C ILE A 460 -3.60 -3.28 14.99
N THR A 461 -3.18 -4.29 14.20
CA THR A 461 -4.04 -5.45 13.91
C THR A 461 -4.40 -6.23 15.19
N SER A 462 -3.57 -6.11 16.22
CA SER A 462 -3.83 -6.82 17.46
C SER A 462 -4.79 -6.05 18.40
N LEU A 463 -5.11 -4.80 18.05
CA LEU A 463 -6.05 -4.00 18.88
C LEU A 463 -7.52 -4.38 18.71
N GLY A 464 -7.86 -5.03 17.61
CA GLY A 464 -9.24 -5.41 17.32
C GLY A 464 -9.37 -6.85 16.83
N LYS A 465 -10.50 -7.46 17.14
CA LYS A 465 -10.69 -8.89 16.87
C LYS A 465 -10.91 -9.20 15.37
N THR A 466 -11.43 -8.23 14.60
CA THR A 466 -11.81 -8.51 13.20
C THR A 466 -11.05 -7.72 12.13
N GLY A 467 -11.15 -8.17 10.88
CA GLY A 467 -10.65 -7.38 9.73
C GLY A 467 -11.26 -5.98 9.60
N GLU A 468 -12.58 -5.90 9.87
CA GLU A 468 -13.30 -4.62 9.96
C GLU A 468 -12.69 -3.67 11.02
N ASP A 469 -12.33 -4.24 12.19
CA ASP A 469 -11.67 -3.48 13.28
C ASP A 469 -10.33 -2.88 12.81
N TYR A 470 -9.59 -3.62 11.95
CA TYR A 470 -8.28 -3.18 11.46
C TYR A 470 -8.42 -1.78 10.85
N HIS A 471 -9.39 -1.64 9.95
CA HIS A 471 -9.57 -0.40 9.23
C HIS A 471 -10.06 0.74 10.14
N LYS A 472 -10.96 0.42 11.06
CA LYS A 472 -11.47 1.42 12.01
C LYS A 472 -10.37 1.96 12.95
N ASN A 473 -9.48 1.08 13.39
CA ASN A 473 -8.33 1.48 14.19
C ASN A 473 -7.27 2.25 13.39
N GLU A 474 -7.01 1.81 12.15
CA GLU A 474 -6.18 2.63 11.24
C GLU A 474 -6.73 4.04 11.03
N ASP A 475 -8.05 4.18 10.95
CA ASP A 475 -8.67 5.49 10.92
C ASP A 475 -8.24 6.36 12.09
N ILE A 476 -8.28 5.81 13.30
CA ILE A 476 -7.88 6.58 14.49
C ILE A 476 -6.40 6.97 14.36
N PHE A 477 -5.57 6.02 13.94
CA PHE A 477 -4.16 6.30 13.79
C PHE A 477 -3.89 7.38 12.72
N PHE A 478 -4.39 7.15 11.52
CA PHE A 478 -4.01 8.02 10.39
C PHE A 478 -4.85 9.28 10.16
N THR A 479 -6.11 9.25 10.59
CA THR A 479 -6.95 10.43 10.41
C THR A 479 -7.05 11.12 11.77
N GLY A 480 -7.24 10.33 12.83
CA GLY A 480 -7.31 10.88 14.17
C GLY A 480 -8.65 10.65 14.81
N TYR A 481 -8.74 10.91 16.10
CA TYR A 481 -10.01 10.70 16.84
C TYR A 481 -11.17 11.59 16.38
N GLN A 482 -10.88 12.81 15.88
CA GLN A 482 -11.93 13.69 15.36
C GLN A 482 -12.63 13.10 14.10
N GLY A 483 -11.97 12.18 13.38
CA GLY A 483 -12.65 11.40 12.32
C GLY A 483 -12.77 12.08 10.98
N ASP A 484 -12.14 13.24 10.85
CA ASP A 484 -12.18 14.06 9.64
C ASP A 484 -10.78 14.68 9.47
N PRO A 485 -10.09 14.42 8.33
CA PRO A 485 -8.69 14.90 8.19
C PRO A 485 -8.58 16.43 8.19
N THR A 486 -9.72 17.11 8.08
CA THR A 486 -9.74 18.57 8.18
C THR A 486 -9.87 19.06 9.61
N GLY A 487 -10.12 18.16 10.55
CA GLY A 487 -10.39 18.57 11.93
C GLY A 487 -9.15 18.50 12.80
N GLN A 488 -9.25 19.08 14.01
CA GLN A 488 -8.14 19.09 14.97
C GLN A 488 -8.36 18.01 15.98
N LYS A 489 -7.26 17.50 16.53
CA LYS A 489 -7.29 16.55 17.63
C LYS A 489 -8.33 17.01 18.70
N PRO A 490 -9.19 16.09 19.19
CA PRO A 490 -10.11 16.43 20.28
C PRO A 490 -9.38 16.82 21.58
N GLY A 491 -9.99 17.75 22.33
CA GLY A 491 -9.41 18.24 23.58
C GLY A 491 -9.16 17.17 24.62
N ASP A 492 -9.89 16.06 24.53
CA ASP A 492 -9.76 14.99 25.52
C ASP A 492 -8.84 13.84 25.09
N LYS A 493 -8.11 14.04 23.99
CA LYS A 493 -7.19 13.02 23.45
C LYS A 493 -5.76 13.52 23.45
N ASP A 494 -4.82 12.59 23.50
CA ASP A 494 -3.38 12.93 23.34
C ASP A 494 -2.81 12.64 21.96
N TRP A 495 -3.33 11.62 21.31
CA TRP A 495 -2.85 11.18 19.98
C TRP A 495 -3.29 12.18 18.92
N TYR A 496 -2.36 12.62 18.04
CA TYR A 496 -2.73 13.32 16.82
C TYR A 496 -2.79 12.34 15.65
N GLY A 497 -3.88 12.39 14.88
CA GLY A 497 -3.94 11.62 13.65
C GLY A 497 -2.85 12.11 12.72
N ILE A 498 -2.28 11.22 11.93
CA ILE A 498 -1.25 11.64 10.96
C ILE A 498 -1.78 12.75 10.04
N ALA A 499 -3.05 12.66 9.63
CA ALA A 499 -3.64 13.66 8.74
C ALA A 499 -3.67 15.04 9.40
N ASN A 500 -3.76 15.08 10.73
CA ASN A 500 -3.69 16.36 11.47
C ASN A 500 -2.35 17.13 11.20
N LEU A 501 -1.28 16.36 10.95
CA LEU A 501 0.10 16.86 10.89
C LEU A 501 0.78 16.72 9.55
N VAL A 502 0.30 15.83 8.69
CA VAL A 502 0.93 15.60 7.40
C VAL A 502 -0.04 15.63 6.19
N ALA A 503 0.41 16.32 5.14
CA ALA A 503 -0.38 16.54 3.94
C ALA A 503 -0.57 15.21 3.20
N ASP A 504 -1.73 15.03 2.58
CA ASP A 504 -1.98 13.84 1.73
C ASP A 504 -1.38 14.01 0.31
N ARG A 505 -1.21 12.89 -0.38
CA ARG A 505 -0.77 12.80 -1.77
C ARG A 505 -1.74 11.87 -2.48
N THR A 506 -1.75 11.91 -3.80
CA THR A 506 -2.71 11.09 -4.56
C THR A 506 -2.09 10.52 -5.81
N PRO A 507 -2.31 9.21 -6.10
CA PRO A 507 -1.90 8.70 -7.41
C PRO A 507 -2.99 8.87 -8.50
N ALA A 508 -4.15 9.43 -8.15
CA ALA A 508 -5.22 9.66 -9.14
C ALA A 508 -4.91 10.82 -10.09
N VAL A 509 -4.01 10.57 -11.04
CA VAL A 509 -3.42 11.62 -11.90
C VAL A 509 -3.36 11.09 -13.34
N GLY A 510 -3.64 11.93 -14.34
CA GLY A 510 -3.60 11.50 -15.74
C GLY A 510 -4.96 11.59 -16.40
N ASN A 511 -5.25 10.69 -17.32
CA ASN A 511 -6.55 10.73 -18.01
C ASN A 511 -7.51 9.70 -17.54
N THR A 512 -7.01 8.78 -16.71
CA THR A 512 -7.78 7.63 -16.25
C THR A 512 -7.54 7.39 -14.77
N PHE A 513 -8.64 7.22 -14.05
CA PHE A 513 -8.60 6.75 -12.68
C PHE A 513 -9.77 5.76 -12.46
N THR A 514 -9.49 4.65 -11.77
CA THR A 514 -10.56 3.72 -11.39
C THR A 514 -10.30 3.13 -10.00
N THR A 515 -11.39 2.80 -9.31
CA THR A 515 -11.30 2.10 -8.07
C THR A 515 -12.62 1.38 -7.81
N SER A 516 -12.54 0.24 -7.14
CA SER A 516 -13.73 -0.38 -6.55
C SER A 516 -13.54 -0.59 -5.06
N PHE A 517 -12.58 0.14 -4.49
CA PHE A 517 -12.33 0.17 -3.05
C PHE A 517 -11.75 -1.15 -2.56
N ASN A 518 -10.99 -1.80 -3.44
CA ASN A 518 -10.39 -3.08 -3.12
C ASN A 518 -9.26 -2.86 -2.09
N THR A 519 -9.48 -3.32 -0.86
CA THR A 519 -8.51 -3.13 0.21
C THR A 519 -7.46 -4.29 0.26
N GLY A 520 -7.52 -5.19 -0.73
CA GLY A 520 -6.56 -6.29 -0.77
C GLY A 520 -6.94 -7.44 0.13
N HIS A 521 -8.14 -7.39 0.70
CA HIS A 521 -8.69 -8.56 1.46
C HIS A 521 -10.24 -8.52 1.48
N GLY A 522 -10.86 -9.63 1.86
CA GLY A 522 -12.30 -9.68 1.92
C GLY A 522 -12.79 -10.93 2.62
N LYS A 523 -14.05 -10.87 3.05
CA LYS A 523 -14.76 -12.07 3.49
C LYS A 523 -15.31 -12.85 2.29
N LYS A 524 -15.54 -12.13 1.17
CA LYS A 524 -15.99 -12.69 -0.09
C LYS A 524 -15.39 -11.83 -1.19
N TRP A 525 -15.52 -12.29 -2.41
CA TRP A 525 -15.09 -11.51 -3.55
C TRP A 525 -16.29 -11.41 -4.46
N PHE A 526 -16.74 -10.16 -4.66
CA PHE A 526 -17.87 -9.84 -5.51
C PHE A 526 -17.44 -9.51 -6.95
N VAL A 527 -18.24 -9.94 -7.93
CA VAL A 527 -18.02 -9.61 -9.33
C VAL A 527 -19.30 -8.93 -9.83
N ASP A 528 -19.18 -7.64 -10.13
CA ASP A 528 -20.32 -6.79 -10.54
C ASP A 528 -21.53 -7.02 -9.65
N GLY A 529 -21.29 -7.01 -8.33
CA GLY A 529 -22.38 -7.00 -7.35
C GLY A 529 -22.87 -8.37 -6.92
N LYS A 530 -22.27 -9.43 -7.48
CA LYS A 530 -22.61 -10.81 -7.15
C LYS A 530 -21.46 -11.53 -6.52
N VAL A 531 -21.74 -12.34 -5.49
CA VAL A 531 -20.71 -13.16 -4.86
C VAL A 531 -20.15 -14.12 -5.90
N SER A 532 -18.83 -14.16 -6.05
CA SER A 532 -18.10 -15.10 -6.94
C SER A 532 -17.21 -16.00 -6.11
N LYS A 533 -16.39 -15.41 -5.24
CA LYS A 533 -15.67 -16.18 -4.22
C LYS A 533 -16.42 -16.06 -2.90
N ASP A 534 -16.99 -17.17 -2.45
CA ASP A 534 -17.86 -17.15 -1.29
C ASP A 534 -17.08 -17.38 0.01
N SER A 535 -15.80 -17.02 0.05
CA SER A 535 -14.96 -17.30 1.20
C SER A 535 -13.80 -16.29 1.32
N GLU A 536 -13.16 -16.30 2.47
CA GLU A 536 -12.19 -15.24 2.86
C GLU A 536 -10.85 -15.28 2.10
N TRP A 537 -10.19 -14.12 2.00
CA TRP A 537 -8.95 -13.97 1.21
C TRP A 537 -8.19 -12.69 1.57
N ASN A 538 -6.88 -12.73 1.38
CA ASN A 538 -6.08 -11.51 1.31
C ASN A 538 -5.06 -11.73 0.20
N TYR A 539 -5.07 -10.85 -0.79
CA TYR A 539 -4.16 -10.94 -1.91
C TYR A 539 -3.88 -9.48 -2.25
N ARG A 540 -2.98 -8.88 -1.47
CA ARG A 540 -2.83 -7.44 -1.47
C ARG A 540 -2.24 -6.91 -2.78
N SER A 541 -1.78 -7.81 -3.65
CA SER A 541 -1.35 -7.40 -5.02
C SER A 541 -2.44 -6.58 -5.75
N VAL A 542 -3.71 -6.91 -5.51
CA VAL A 542 -4.86 -6.24 -6.11
C VAL A 542 -5.38 -5.02 -5.30
N SER A 543 -4.70 -4.68 -4.19
CA SER A 543 -5.08 -3.48 -3.41
C SER A 543 -5.24 -2.26 -4.34
N GLY A 544 -6.38 -1.57 -4.30
CA GLY A 544 -6.57 -0.40 -5.17
C GLY A 544 -6.33 0.91 -4.44
N VAL A 545 -6.95 1.99 -4.95
CA VAL A 545 -6.73 3.33 -4.39
C VAL A 545 -7.98 3.67 -3.57
N LEU A 546 -7.84 3.70 -2.24
CA LEU A 546 -8.98 4.03 -1.34
C LEU A 546 -9.06 5.53 -1.10
N PRO A 547 -10.18 6.04 -0.49
CA PRO A 547 -10.34 7.51 -0.40
C PRO A 547 -9.16 8.26 0.25
N THR A 548 -8.73 9.35 -0.40
CA THR A 548 -7.74 10.27 0.18
C THR A 548 -8.17 10.69 1.59
N TRP A 549 -9.48 10.91 1.76
CA TRP A 549 -10.00 11.44 3.03
C TRP A 549 -11.02 10.53 3.66
N ARG A 550 -10.77 10.19 4.94
CA ARG A 550 -11.61 9.26 5.69
C ARG A 550 -11.91 9.79 7.11
N TRP A 551 -12.87 10.71 7.27
CA TRP A 551 -13.82 11.19 6.25
C TRP A 551 -14.07 12.69 6.36
N TRP A 552 -14.00 13.38 5.23
CA TRP A 552 -14.21 14.83 5.14
C TRP A 552 -15.68 15.03 4.77
N GLN A 553 -16.44 15.51 5.76
CA GLN A 553 -17.90 15.59 5.69
C GLN A 553 -18.37 16.93 6.15
N THR A 554 -19.31 17.50 5.40
CA THR A 554 -20.05 18.68 5.84
C THR A 554 -21.56 18.40 5.72
N SER A 555 -22.34 19.06 6.56
CA SER A 555 -23.79 18.83 6.63
C SER A 555 -24.51 20.09 7.14
N THR A 556 -25.75 20.29 6.70
CA THR A 556 -26.61 21.35 7.20
C THR A 556 -27.12 20.91 8.56
N GLY A 557 -26.94 19.62 8.84
CA GLY A 557 -27.41 19.02 10.08
C GLY A 557 -26.48 17.90 10.48
N GLU A 558 -27.06 16.75 10.78
CA GLU A 558 -26.28 15.57 11.18
C GLU A 558 -25.55 14.89 10.00
N LYS A 559 -24.54 14.08 10.31
CA LYS A 559 -23.71 13.42 9.29
C LYS A 559 -23.91 11.91 9.25
N LEU A 560 -24.16 11.38 8.06
CA LEU A 560 -24.12 9.91 7.87
C LEU A 560 -22.81 9.30 8.36
N ARG A 561 -22.89 8.08 8.88
CA ARG A 561 -21.68 7.30 9.16
C ARG A 561 -21.11 6.75 7.84
N ALA A 562 -19.85 7.08 7.53
CA ALA A 562 -19.11 6.46 6.41
C ALA A 562 -18.26 5.29 6.89
N GLU A 563 -18.37 4.15 6.21
CA GLU A 563 -17.49 3.01 6.52
C GLU A 563 -17.31 2.06 5.36
N TYR A 564 -16.36 1.14 5.50
CA TYR A 564 -16.18 0.08 4.52
C TYR A 564 -17.30 -0.94 4.76
N ASP A 565 -17.82 -1.52 3.68
CA ASP A 565 -18.83 -2.54 3.78
C ASP A 565 -18.28 -3.87 3.25
N PHE A 566 -17.95 -4.79 4.14
CA PHE A 566 -17.47 -6.14 3.74
C PHE A 566 -18.61 -7.17 3.53
N THR A 567 -19.87 -6.72 3.70
CA THR A 567 -21.04 -7.62 3.52
C THR A 567 -21.60 -7.54 2.11
N ASP A 568 -21.24 -6.48 1.40
CA ASP A 568 -21.75 -6.22 0.07
C ASP A 568 -20.79 -5.29 -0.70
N ALA A 569 -20.45 -5.68 -1.93
CA ALA A 569 -19.52 -4.92 -2.77
C ALA A 569 -19.88 -5.06 -4.23
N TYR A 570 -19.33 -4.19 -5.05
CA TYR A 570 -19.52 -4.33 -6.50
C TYR A 570 -18.39 -5.18 -7.14
N ASN A 571 -17.15 -4.77 -6.93
CA ASN A 571 -16.00 -5.57 -7.36
C ASN A 571 -14.93 -5.64 -6.28
N GLY A 572 -14.57 -6.87 -5.90
CA GLY A 572 -13.56 -7.08 -4.85
C GLY A 572 -14.22 -7.39 -3.51
N GLY A 573 -13.53 -7.10 -2.41
CA GLY A 573 -13.99 -7.48 -1.08
C GLY A 573 -14.90 -6.50 -0.34
N ASN A 574 -14.99 -5.25 -0.80
CA ASN A 574 -15.79 -4.27 -0.07
C ASN A 574 -16.23 -3.05 -0.91
N SER A 575 -17.37 -2.48 -0.53
CA SER A 575 -17.80 -1.20 -1.03
C SER A 575 -17.62 -0.16 0.08
N LEU A 576 -18.08 1.08 -0.18
CA LEU A 576 -18.23 2.13 0.83
C LEU A 576 -19.70 2.22 1.17
N LYS A 577 -20.02 2.35 2.46
CA LYS A 577 -21.38 2.41 2.89
C LYS A 577 -21.61 3.73 3.66
N PHE A 578 -22.75 4.39 3.40
CA PHE A 578 -23.12 5.62 4.08
C PHE A 578 -24.54 5.44 4.63
N SER A 579 -24.66 5.46 5.95
CA SER A 579 -25.89 5.03 6.61
C SER A 579 -26.15 5.83 7.88
N GLY A 580 -27.42 5.88 8.28
CA GLY A 580 -27.78 6.47 9.55
C GLY A 580 -29.26 6.70 9.55
N ASP A 581 -29.78 7.06 10.72
CA ASP A 581 -31.17 7.49 10.81
C ASP A 581 -31.16 8.98 10.54
N VAL A 582 -31.73 9.37 9.41
CA VAL A 582 -31.76 10.78 9.03
C VAL A 582 -32.95 11.42 9.77
N ALA A 583 -32.65 12.46 10.54
CA ALA A 583 -33.67 12.99 11.44
C ALA A 583 -34.67 13.95 10.78
N GLY A 584 -34.28 14.57 9.66
CA GLY A 584 -35.16 15.56 9.04
C GLY A 584 -34.47 16.03 7.79
N LYS A 585 -35.03 17.07 7.18
CA LYS A 585 -34.47 17.69 5.96
C LYS A 585 -32.97 18.01 6.15
N THR A 586 -32.14 17.47 5.26
CA THR A 586 -30.68 17.57 5.36
C THR A 586 -30.02 17.56 3.99
N ASP A 587 -28.99 18.42 3.84
CA ASP A 587 -28.05 18.33 2.71
C ASP A 587 -26.66 18.13 3.27
N GLN A 588 -25.91 17.20 2.67
CA GLN A 588 -24.59 16.92 3.16
C GLN A 588 -23.70 16.28 2.10
N ASP A 589 -22.39 16.34 2.35
CA ASP A 589 -21.45 15.74 1.40
C ASP A 589 -20.35 14.94 2.06
N VAL A 590 -19.68 14.14 1.24
CA VAL A 590 -18.52 13.33 1.63
C VAL A 590 -17.49 13.55 0.51
N ARG A 591 -16.43 14.32 0.81
CA ARG A 591 -15.34 14.56 -0.14
C ARG A 591 -14.35 13.42 -0.08
N LEU A 592 -14.19 12.71 -1.20
CA LEU A 592 -13.60 11.38 -1.21
C LEU A 592 -12.14 11.33 -1.66
N TYR A 593 -11.86 11.96 -2.80
CA TYR A 593 -10.56 11.83 -3.47
C TYR A 593 -10.03 13.19 -3.86
N SER A 594 -8.74 13.36 -3.61
CA SER A 594 -7.92 14.41 -4.23
C SER A 594 -7.41 13.79 -5.53
N THR A 595 -7.41 14.57 -6.61
CA THR A 595 -7.09 14.06 -7.96
C THR A 595 -6.40 15.14 -8.81
N LYS A 596 -5.89 14.75 -9.97
CA LYS A 596 -5.56 15.68 -11.06
C LYS A 596 -5.78 14.94 -12.37
N LEU A 597 -7.02 15.03 -12.84
CA LEU A 597 -7.51 14.23 -13.95
C LEU A 597 -7.88 15.15 -15.11
N GLU A 598 -7.20 14.99 -16.24
CA GLU A 598 -7.45 15.81 -17.43
C GLU A 598 -8.66 15.29 -18.19
N VAL A 599 -9.62 16.20 -18.43
CA VAL A 599 -10.86 15.89 -19.16
C VAL A 599 -10.73 16.26 -20.65
N THR A 600 -11.14 15.33 -21.51
CA THR A 600 -11.20 15.54 -22.96
C THR A 600 -12.63 15.29 -23.43
N GLU A 601 -12.86 15.41 -24.74
CA GLU A 601 -14.17 15.13 -25.34
C GLU A 601 -14.57 13.65 -25.18
N LYS A 602 -13.59 12.80 -24.89
CA LYS A 602 -13.82 11.36 -24.74
C LYS A 602 -14.01 10.89 -23.28
N THR A 603 -13.85 11.81 -22.33
CA THR A 603 -13.91 11.43 -20.91
C THR A 603 -15.33 11.10 -20.45
N LYS A 604 -15.45 9.93 -19.82
CA LYS A 604 -16.69 9.49 -19.20
C LYS A 604 -16.50 9.19 -17.72
N LEU A 605 -17.62 9.25 -17.00
CA LEU A 605 -17.69 8.84 -15.60
C LEU A 605 -18.53 7.59 -15.51
N ARG A 606 -17.99 6.56 -14.87
CA ARG A 606 -18.75 5.36 -14.58
C ARG A 606 -18.84 5.19 -13.05
N VAL A 607 -20.07 5.02 -12.57
CA VAL A 607 -20.31 4.90 -11.15
C VAL A 607 -21.22 3.70 -10.86
N ALA A 608 -20.71 2.75 -10.08
CA ALA A 608 -21.53 1.64 -9.56
C ALA A 608 -21.99 1.91 -8.11
N HIS A 609 -23.28 1.72 -7.86
CA HIS A 609 -23.89 2.13 -6.61
C HIS A 609 -25.15 1.33 -6.30
N LYS A 610 -25.63 1.46 -5.09
CA LYS A 610 -26.76 0.70 -4.60
C LYS A 610 -27.45 1.40 -3.41
N GLY A 611 -28.78 1.24 -3.32
CA GLY A 611 -29.59 1.86 -2.25
C GLY A 611 -29.81 3.34 -2.47
N GLY A 612 -29.94 4.09 -1.35
CA GLY A 612 -30.24 5.52 -1.43
C GLY A 612 -31.71 5.84 -1.34
N LYS A 613 -32.54 4.82 -1.08
CA LYS A 613 -34.00 5.01 -0.94
C LYS A 613 -34.27 6.14 0.07
N GLY A 614 -35.13 7.08 -0.29
CA GLY A 614 -35.40 8.21 0.60
C GLY A 614 -34.46 9.40 0.44
N SER A 615 -33.66 9.42 -0.65
CA SER A 615 -32.75 10.56 -0.90
C SER A 615 -32.62 10.82 -2.37
N LYS A 616 -31.96 11.94 -2.69
CA LYS A 616 -31.31 12.12 -3.99
C LYS A 616 -29.81 12.11 -3.69
N VAL A 617 -29.05 11.45 -4.55
CA VAL A 617 -27.60 11.38 -4.41
C VAL A 617 -26.94 11.82 -5.73
N TYR A 618 -25.86 12.58 -5.58
CA TYR A 618 -25.13 13.14 -6.68
C TYR A 618 -23.64 12.87 -6.53
N MET A 619 -22.94 12.84 -7.66
CA MET A 619 -21.50 12.89 -7.60
C MET A 619 -21.07 14.23 -8.21
N ALA A 620 -20.17 14.92 -7.54
CA ALA A 620 -19.69 16.24 -7.97
C ALA A 620 -18.16 16.28 -8.00
N PHE A 621 -17.63 17.11 -8.91
CA PHE A 621 -16.19 17.28 -9.12
C PHE A 621 -15.84 18.74 -8.90
N SER A 622 -14.66 18.97 -8.34
CA SER A 622 -14.06 20.27 -8.24
C SER A 622 -13.14 20.37 -9.45
N THR A 623 -13.25 21.48 -10.18
CA THR A 623 -12.36 21.72 -11.32
C THR A 623 -11.27 22.78 -11.00
N THR A 624 -11.12 23.10 -9.72
CA THR A 624 -10.04 23.97 -9.22
C THR A 624 -9.21 23.29 -8.11
N PRO A 625 -7.90 23.63 -8.04
CA PRO A 625 -6.99 23.00 -7.04
C PRO A 625 -7.35 23.26 -5.59
N ASP A 626 -8.09 24.33 -5.34
CA ASP A 626 -8.54 24.60 -3.97
C ASP A 626 -9.84 23.85 -3.56
N TYR A 627 -10.31 22.92 -4.41
CA TYR A 627 -11.44 22.00 -4.08
C TYR A 627 -12.83 22.67 -3.97
N LYS A 628 -13.06 23.70 -4.79
CA LYS A 628 -14.38 24.29 -4.84
C LYS A 628 -15.27 23.50 -5.77
N PHE A 629 -16.51 23.29 -5.33
CA PHE A 629 -17.51 22.57 -6.13
C PHE A 629 -18.56 23.51 -6.76
N ASP A 630 -18.09 24.53 -7.49
CA ASP A 630 -18.94 25.59 -8.05
C ASP A 630 -19.25 25.48 -9.57
N ASP A 631 -18.88 24.35 -10.17
CA ASP A 631 -18.99 24.18 -11.60
C ASP A 631 -20.25 23.36 -11.93
N ALA A 632 -21.24 24.01 -12.58
CA ALA A 632 -22.51 23.36 -12.84
C ALA A 632 -22.44 22.15 -13.75
N ASP A 633 -21.42 22.10 -14.60
CA ASP A 633 -21.23 20.95 -15.48
C ASP A 633 -20.54 19.80 -14.81
N ALA A 634 -20.20 19.98 -13.54
CA ALA A 634 -19.46 18.97 -12.76
C ALA A 634 -20.33 18.27 -11.72
N TRP A 635 -21.66 18.28 -11.92
CA TRP A 635 -22.60 17.62 -11.01
C TRP A 635 -23.42 16.62 -11.81
N LYS A 636 -23.51 15.39 -11.32
CA LYS A 636 -24.27 14.30 -11.97
C LYS A 636 -25.15 13.62 -10.96
N GLU A 637 -26.46 13.61 -11.20
CA GLU A 637 -27.36 12.96 -10.28
C GLU A 637 -27.40 11.48 -10.62
N LEU A 638 -27.38 10.67 -9.58
CA LEU A 638 -27.44 9.24 -9.71
C LEU A 638 -28.89 8.75 -9.72
N THR A 639 -29.14 7.71 -10.53
CA THR A 639 -30.46 7.09 -10.59
C THR A 639 -30.46 5.90 -9.65
N LEU A 640 -31.18 6.08 -8.54
CA LEU A 640 -31.09 5.19 -7.42
C LEU A 640 -32.03 4.03 -7.60
N SER A 641 -31.61 2.87 -7.08
CA SER A 641 -32.46 1.70 -7.01
C SER A 641 -31.93 0.81 -5.89
N ASP A 642 -32.67 -0.25 -5.56
CA ASP A 642 -32.33 -1.11 -4.45
C ASP A 642 -31.20 -2.13 -4.72
N ASN A 643 -30.84 -2.33 -5.99
CA ASN A 643 -29.76 -3.23 -6.39
C ASN A 643 -28.58 -2.48 -6.98
N TRP A 644 -27.45 -3.17 -7.14
CA TRP A 644 -26.28 -2.60 -7.78
C TRP A 644 -26.59 -2.20 -9.20
N THR A 645 -26.31 -0.95 -9.54
CA THR A 645 -26.37 -0.51 -10.90
C THR A 645 -25.05 0.17 -11.22
N ASN A 646 -24.69 0.16 -12.50
CA ASN A 646 -23.48 0.82 -12.95
C ASN A 646 -23.83 1.80 -14.05
N GLU A 647 -23.64 3.08 -13.80
CA GLU A 647 -24.11 4.12 -14.70
C GLU A 647 -22.96 4.84 -15.35
N GLU A 648 -23.15 5.27 -16.60
CA GLU A 648 -22.15 6.07 -17.31
C GLU A 648 -22.65 7.46 -17.60
N PHE A 649 -21.80 8.47 -17.40
CA PHE A 649 -22.16 9.86 -17.67
C PHE A 649 -21.09 10.49 -18.57
N ASP A 650 -21.55 11.27 -19.55
CA ASP A 650 -20.66 11.98 -20.45
C ASP A 650 -20.04 13.18 -19.73
N LEU A 651 -18.70 13.24 -19.70
CA LEU A 651 -18.03 14.42 -19.12
C LEU A 651 -17.52 15.44 -20.14
N SER A 652 -17.90 15.25 -21.41
CA SER A 652 -17.37 16.07 -22.52
C SER A 652 -17.54 17.58 -22.36
N SER A 653 -18.56 18.00 -21.60
CA SER A 653 -18.81 19.43 -21.32
C SER A 653 -17.71 20.07 -20.46
N LEU A 654 -16.91 19.22 -19.82
CA LEU A 654 -15.77 19.66 -19.02
C LEU A 654 -14.46 19.53 -19.78
N ALA A 655 -14.51 19.15 -21.05
CA ALA A 655 -13.28 18.99 -21.86
C ALA A 655 -12.34 20.18 -21.69
N GLY A 656 -11.05 19.90 -21.56
CA GLY A 656 -10.08 20.98 -21.38
C GLY A 656 -9.86 21.38 -19.94
N LYS A 657 -10.81 21.05 -19.06
CA LYS A 657 -10.65 21.28 -17.62
C LYS A 657 -9.90 20.11 -16.93
N THR A 658 -9.54 20.33 -15.66
CA THR A 658 -8.93 19.32 -14.82
C THR A 658 -9.81 19.08 -13.59
N ILE A 659 -10.07 17.81 -13.26
CA ILE A 659 -10.77 17.45 -12.01
C ILE A 659 -9.76 17.30 -10.85
N TYR A 660 -10.00 18.04 -9.77
CA TYR A 660 -9.10 18.03 -8.59
C TYR A 660 -9.66 17.30 -7.39
N ALA A 661 -10.97 17.08 -7.36
CA ALA A 661 -11.59 16.34 -6.24
C ALA A 661 -12.93 15.73 -6.64
N VAL A 662 -13.29 14.67 -5.93
CA VAL A 662 -14.55 13.92 -6.13
C VAL A 662 -15.26 13.86 -4.80
N LYS A 663 -16.55 14.23 -4.80
CA LYS A 663 -17.39 14.09 -3.61
C LYS A 663 -18.76 13.50 -3.99
N LEU A 664 -19.42 12.95 -2.98
CA LEU A 664 -20.83 12.60 -3.05
C LEU A 664 -21.61 13.66 -2.31
N PHE A 665 -22.82 13.94 -2.78
CA PHE A 665 -23.73 14.90 -2.18
C PHE A 665 -25.09 14.23 -1.99
N PHE A 666 -25.64 14.37 -0.78
CA PHE A 666 -26.89 13.72 -0.39
C PHE A 666 -27.95 14.74 -0.03
N GLU A 667 -29.16 14.56 -0.56
CA GLU A 667 -30.31 15.37 -0.14
C GLU A 667 -31.39 14.46 0.40
N HIS A 668 -31.82 14.72 1.64
CA HIS A 668 -32.99 14.12 2.26
C HIS A 668 -34.04 15.22 2.49
N GLU A 669 -35.28 14.95 2.13
CA GLU A 669 -36.32 15.98 2.23
C GLU A 669 -37.04 15.89 3.58
N GLY A 670 -36.82 14.80 4.31
CA GLY A 670 -37.36 14.66 5.66
C GLY A 670 -36.66 13.49 6.32
N ALA A 671 -37.20 13.03 7.46
CA ALA A 671 -36.65 11.89 8.22
C ALA A 671 -36.62 10.63 7.38
N VAL A 672 -35.58 9.82 7.55
CA VAL A 672 -35.49 8.51 6.88
C VAL A 672 -34.81 7.54 7.86
N LYS A 673 -35.62 6.68 8.47
CA LYS A 673 -35.10 5.65 9.34
C LYS A 673 -34.26 4.66 8.54
N ASP A 674 -33.11 4.27 9.08
CA ASP A 674 -32.32 3.16 8.51
C ASP A 674 -31.89 3.46 7.08
N TYR A 675 -31.49 4.70 6.83
CA TYR A 675 -31.03 5.09 5.51
C TYR A 675 -29.72 4.39 5.18
N GLN A 676 -29.57 3.95 3.92
CA GLN A 676 -28.28 3.40 3.45
C GLN A 676 -28.10 3.59 1.94
N PHE A 677 -26.88 4.03 1.59
CA PHE A 677 -26.40 4.12 0.21
C PHE A 677 -24.98 3.48 0.13
N ASN A 678 -24.73 2.68 -0.91
CA ASN A 678 -23.39 2.17 -1.14
C ASN A 678 -22.78 2.67 -2.42
N LEU A 679 -21.51 3.05 -2.36
CA LEU A 679 -20.74 3.38 -3.56
C LEU A 679 -19.80 2.20 -3.82
N GLY A 680 -19.87 1.62 -5.00
CA GLY A 680 -19.16 0.37 -5.27
C GLY A 680 -18.03 0.46 -6.28
N GLN A 681 -18.07 1.49 -7.13
CA GLN A 681 -17.01 1.67 -8.15
C GLN A 681 -17.08 3.08 -8.71
N LEU A 682 -15.91 3.63 -8.99
CA LEU A 682 -15.81 4.98 -9.51
C LEU A 682 -14.74 4.96 -10.56
N THR A 683 -15.06 5.46 -11.76
CA THR A 683 -14.09 5.52 -12.85
C THR A 683 -14.26 6.86 -13.58
N ILE A 684 -13.14 7.51 -13.83
CA ILE A 684 -13.10 8.66 -14.73
C ILE A 684 -12.02 8.31 -15.76
N SER A 685 -12.42 8.22 -17.03
CA SER A 685 -11.51 7.72 -18.09
C SER A 685 -11.99 8.13 -19.46
N ASP A 686 -11.02 8.36 -20.34
CA ASP A 686 -11.30 8.62 -21.76
C ASP A 686 -11.25 7.35 -22.62
N ASN A 687 -11.16 6.21 -21.95
CA ASN A 687 -11.09 4.88 -22.56
C ASN A 687 -12.25 4.03 -22.00
N HIS A 688 -13.16 3.61 -22.87
CA HIS A 688 -14.25 2.74 -22.41
C HIS A 688 -14.17 1.32 -22.94
N GLN A 689 -13.03 0.97 -23.54
CA GLN A 689 -12.86 -0.31 -24.21
C GLN A 689 -12.46 -1.43 -23.29
N GLU A 690 -12.89 -2.64 -23.65
CA GLU A 690 -12.40 -3.86 -22.99
C GLU A 690 -10.91 -3.99 -23.28
N PRO A 691 -10.12 -4.29 -22.24
CA PRO A 691 -8.72 -4.60 -22.54
C PRO A 691 -8.66 -5.93 -23.30
N GLN A 692 -7.55 -6.18 -23.99
CA GLN A 692 -7.37 -7.48 -24.66
C GLN A 692 -7.48 -8.62 -23.66
N SER A 693 -8.00 -9.75 -24.10
CA SER A 693 -7.95 -10.98 -23.32
C SER A 693 -6.49 -11.39 -23.13
N PRO A 694 -6.20 -12.01 -21.97
CA PRO A 694 -4.93 -12.71 -21.82
C PRO A 694 -4.80 -13.82 -22.87
N THR A 695 -3.58 -14.16 -23.24
CA THR A 695 -3.35 -15.19 -24.25
C THR A 695 -2.40 -16.22 -23.66
N SER A 696 -2.25 -17.35 -24.34
CA SER A 696 -1.28 -18.37 -23.93
C SER A 696 -1.45 -18.80 -22.46
N PHE A 697 -2.70 -19.04 -22.09
CA PHE A 697 -3.07 -19.40 -20.73
C PHE A 697 -2.98 -20.90 -20.54
N SER A 698 -2.21 -21.35 -19.54
CA SER A 698 -2.11 -22.79 -19.25
C SER A 698 -1.88 -23.05 -17.77
N VAL A 699 -2.18 -24.28 -17.35
CA VAL A 699 -1.76 -24.80 -16.04
C VAL A 699 -0.30 -25.19 -16.21
N VAL A 700 0.62 -24.58 -15.48
CA VAL A 700 2.04 -24.91 -15.71
C VAL A 700 2.56 -25.91 -14.69
N LYS A 701 1.87 -26.01 -13.56
CA LYS A 701 2.27 -26.92 -12.49
C LYS A 701 1.03 -27.30 -11.73
N GLN A 702 1.00 -28.53 -11.21
CA GLN A 702 -0.10 -28.92 -10.35
C GLN A 702 0.28 -29.93 -9.30
N SER A 703 -0.47 -29.95 -8.22
CA SER A 703 -0.29 -30.95 -7.18
C SER A 703 -1.61 -31.28 -6.53
N LEU A 704 -2.13 -32.49 -6.80
CA LEU A 704 -3.39 -32.95 -6.22
C LEU A 704 -3.22 -33.41 -4.78
N LYS A 705 -4.20 -33.05 -3.94
CA LYS A 705 -4.32 -33.60 -2.59
C LYS A 705 -5.12 -34.88 -2.65
N ASN A 706 -6.24 -34.80 -3.36
CA ASN A 706 -7.10 -35.94 -3.65
C ASN A 706 -7.80 -35.65 -4.99
N ALA A 707 -8.84 -36.41 -5.31
CA ALA A 707 -9.59 -36.25 -6.55
C ALA A 707 -10.42 -34.96 -6.58
N GLN A 708 -10.50 -34.25 -5.46
CA GLN A 708 -11.36 -33.10 -5.34
C GLN A 708 -10.65 -31.82 -4.95
N GLU A 709 -9.35 -31.88 -4.66
CA GLU A 709 -8.58 -30.67 -4.32
C GLU A 709 -7.13 -30.70 -4.74
N ALA A 710 -6.73 -29.60 -5.37
CA ALA A 710 -5.41 -29.49 -5.93
C ALA A 710 -4.87 -28.08 -5.74
N GLU A 711 -3.55 -27.99 -5.64
CA GLU A 711 -2.85 -26.73 -5.88
C GLU A 711 -2.50 -26.69 -7.35
N ALA A 712 -2.39 -25.47 -7.88
CA ALA A 712 -1.87 -25.25 -9.24
C ALA A 712 -1.12 -23.92 -9.32
N VAL A 713 -0.26 -23.79 -10.33
CA VAL A 713 0.10 -22.48 -10.81
C VAL A 713 -0.20 -22.33 -12.29
N VAL A 714 -0.79 -21.18 -12.61
CA VAL A 714 -1.12 -20.85 -13.98
C VAL A 714 -0.29 -19.68 -14.48
N GLN A 715 -0.19 -19.59 -15.79
CA GLN A 715 0.56 -18.56 -16.45
C GLN A 715 -0.11 -18.18 -17.76
N PHE A 716 0.11 -16.94 -18.17
CA PHE A 716 -0.50 -16.38 -19.36
C PHE A 716 0.30 -15.18 -19.77
N LYS A 717 -0.03 -14.66 -20.94
CA LYS A 717 0.49 -13.39 -21.42
C LYS A 717 -0.63 -12.35 -21.27
N GLY A 718 -0.30 -11.21 -20.68
CA GLY A 718 -1.22 -10.09 -20.57
C GLY A 718 -0.85 -8.92 -21.48
N ASN A 719 -1.20 -7.73 -21.04
CA ASN A 719 -1.00 -6.52 -21.85
C ASN A 719 -0.98 -5.33 -20.92
N LYS A 720 -0.51 -4.20 -21.43
CA LYS A 720 -0.32 -2.95 -20.67
C LYS A 720 -1.62 -2.28 -20.21
N ASP A 721 -2.75 -2.66 -20.77
CA ASP A 721 -4.03 -2.11 -20.34
C ASP A 721 -4.56 -2.75 -19.08
N ALA A 722 -4.01 -3.91 -18.74
CA ALA A 722 -4.46 -4.65 -17.56
C ALA A 722 -3.90 -4.05 -16.27
N ASP A 723 -4.77 -3.82 -15.30
CA ASP A 723 -4.38 -3.40 -13.95
C ASP A 723 -3.97 -4.66 -13.15
N PHE A 724 -4.84 -5.67 -13.19
CA PHE A 724 -4.60 -6.97 -12.53
C PHE A 724 -5.47 -8.00 -13.24
N TYR A 725 -5.42 -9.23 -12.73
CA TYR A 725 -6.06 -10.38 -13.42
C TYR A 725 -6.83 -11.16 -12.36
N GLU A 726 -7.94 -11.77 -12.78
CA GLU A 726 -8.74 -12.65 -11.92
C GLU A 726 -8.71 -14.06 -12.48
N VAL A 727 -8.48 -15.04 -11.63
CA VAL A 727 -8.61 -16.44 -12.05
C VAL A 727 -9.83 -17.11 -11.40
N TYR A 728 -10.58 -17.84 -12.23
CA TYR A 728 -11.83 -18.52 -11.79
C TYR A 728 -11.78 -19.99 -12.17
N GLU A 729 -12.48 -20.84 -11.40
CA GLU A 729 -12.77 -22.21 -11.82
C GLU A 729 -14.26 -22.37 -12.13
N LYS A 730 -14.57 -23.33 -12.99
CA LYS A 730 -15.95 -23.69 -13.25
C LYS A 730 -16.34 -24.81 -12.29
N ASP A 731 -17.27 -24.48 -11.41
CA ASP A 731 -17.73 -25.41 -10.39
C ASP A 731 -19.15 -25.79 -10.76
N GLY A 732 -19.28 -26.96 -11.36
CA GLY A 732 -20.51 -27.40 -12.00
C GLY A 732 -20.89 -26.38 -13.05
N ASP A 733 -22.03 -25.76 -12.87
CA ASP A 733 -22.52 -24.79 -13.82
C ASP A 733 -22.26 -23.34 -13.36
N SER A 734 -21.27 -23.14 -12.51
CA SER A 734 -21.00 -21.79 -12.00
C SER A 734 -19.54 -21.47 -11.97
N TRP A 735 -19.19 -20.34 -12.56
CA TRP A 735 -17.85 -19.77 -12.47
C TRP A 735 -17.69 -19.14 -11.09
N LYS A 736 -16.61 -19.50 -10.41
CA LYS A 736 -16.30 -18.95 -9.11
C LYS A 736 -14.86 -18.44 -9.09
N LEU A 737 -14.70 -17.19 -8.65
CA LEU A 737 -13.35 -16.61 -8.54
C LEU A 737 -12.50 -17.36 -7.50
N LEU A 738 -11.23 -17.57 -7.86
CA LEU A 738 -10.27 -18.19 -6.96
C LEU A 738 -9.36 -17.16 -6.28
N THR A 739 -8.76 -16.31 -7.09
CA THR A 739 -7.79 -15.38 -6.60
C THR A 739 -7.64 -14.30 -7.69
N GLY A 740 -6.92 -13.24 -7.35
CA GLY A 740 -6.51 -12.21 -8.28
C GLY A 740 -5.09 -11.80 -7.93
N SER A 741 -4.41 -11.21 -8.94
CA SER A 741 -3.02 -10.81 -8.89
C SER A 741 -2.66 -9.83 -10.00
N SER A 742 -1.69 -8.95 -9.72
CA SER A 742 -1.17 -8.02 -10.72
C SER A 742 -0.25 -8.75 -11.70
N SER A 743 0.17 -9.98 -11.33
CA SER A 743 1.14 -10.76 -12.11
C SER A 743 0.49 -11.61 -13.21
N THR A 744 1.30 -12.06 -14.15
CA THR A 744 0.85 -13.03 -15.15
C THR A 744 1.23 -14.48 -14.79
N THR A 745 1.86 -14.69 -13.63
CA THR A 745 1.98 -16.05 -13.06
C THR A 745 1.25 -16.04 -11.71
N ILE A 746 0.35 -17.01 -11.50
CA ILE A 746 -0.59 -16.98 -10.35
C ILE A 746 -0.69 -18.38 -9.74
N TYR A 747 -0.49 -18.43 -8.43
CA TYR A 747 -0.68 -19.61 -7.57
C TYR A 747 -2.15 -19.76 -7.16
N LEU A 748 -2.67 -20.98 -7.37
CA LEU A 748 -4.00 -21.36 -6.92
C LEU A 748 -3.85 -22.42 -5.82
N PRO A 749 -4.07 -21.99 -4.55
CA PRO A 749 -3.93 -22.87 -3.42
C PRO A 749 -4.97 -23.99 -3.37
N LYS A 750 -6.17 -23.75 -3.93
CA LYS A 750 -7.25 -24.75 -3.99
C LYS A 750 -8.11 -24.67 -5.24
N VAL A 751 -7.81 -25.54 -6.20
CA VAL A 751 -8.73 -25.84 -7.29
C VAL A 751 -9.56 -27.03 -6.78
N SER A 752 -10.88 -26.92 -6.80
CA SER A 752 -11.64 -27.97 -6.16
C SER A 752 -12.87 -28.35 -6.95
N ARG A 753 -13.30 -29.60 -6.76
CA ARG A 753 -14.47 -30.19 -7.43
C ARG A 753 -15.43 -30.72 -6.38
N SER A 754 -16.73 -30.67 -6.65
CA SER A 754 -17.72 -31.25 -5.72
C SER A 754 -17.81 -32.78 -5.87
N ALA A 755 -18.54 -33.42 -4.95
CA ALA A 755 -18.77 -34.86 -4.97
C ALA A 755 -19.45 -35.35 -6.27
N SER A 756 -20.35 -34.53 -6.82
CA SER A 756 -21.06 -34.87 -8.06
C SER A 756 -20.41 -34.38 -9.37
N ALA A 757 -19.19 -33.84 -9.31
CA ALA A 757 -18.47 -33.41 -10.52
C ALA A 757 -18.28 -34.56 -11.54
N GLN A 758 -18.56 -34.26 -12.81
CA GLN A 758 -18.48 -35.22 -13.91
C GLN A 758 -17.12 -35.14 -14.59
N GLY A 759 -16.61 -36.30 -14.99
CA GLY A 759 -15.37 -36.39 -15.77
C GLY A 759 -14.07 -36.28 -15.01
N THR A 760 -12.99 -36.08 -15.76
CA THR A 760 -11.63 -36.09 -15.21
C THR A 760 -10.94 -34.74 -15.40
N THR A 761 -11.68 -33.76 -15.92
CA THR A 761 -11.10 -32.45 -16.18
C THR A 761 -12.02 -31.32 -15.71
N GLN A 762 -11.46 -30.12 -15.58
CA GLN A 762 -12.21 -28.95 -15.10
C GLN A 762 -11.74 -27.66 -15.79
N GLU A 763 -12.69 -26.81 -16.15
CA GLU A 763 -12.35 -25.56 -16.84
C GLU A 763 -11.91 -24.44 -15.86
N LEU A 764 -10.87 -23.70 -16.28
CA LEU A 764 -10.39 -22.49 -15.59
C LEU A 764 -10.46 -21.32 -16.56
N LYS A 765 -10.56 -20.11 -16.04
CA LYS A 765 -10.47 -18.94 -16.90
C LYS A 765 -9.70 -17.79 -16.24
N VAL A 766 -9.15 -16.90 -17.06
CA VAL A 766 -8.49 -15.71 -16.53
C VAL A 766 -9.04 -14.52 -17.28
N VAL A 767 -9.19 -13.40 -16.56
CA VAL A 767 -9.77 -12.18 -17.07
C VAL A 767 -8.85 -11.04 -16.67
N ALA A 768 -8.58 -10.13 -17.60
CA ALA A 768 -7.87 -8.91 -17.27
C ALA A 768 -8.89 -7.86 -16.81
N VAL A 769 -8.56 -7.17 -15.70
CA VAL A 769 -9.36 -6.05 -15.24
C VAL A 769 -8.59 -4.82 -15.63
N GLY A 770 -9.19 -4.00 -16.50
CA GLY A 770 -8.52 -2.87 -17.06
C GLY A 770 -8.17 -1.78 -16.06
N LYS A 771 -7.13 -1.00 -16.38
CA LYS A 771 -6.86 0.27 -15.69
C LYS A 771 -8.03 1.25 -15.80
N ASN A 772 -8.92 0.99 -16.74
CA ASN A 772 -10.13 1.78 -16.93
C ASN A 772 -11.34 1.09 -16.25
N GLY A 773 -11.07 0.05 -15.44
CA GLY A 773 -12.10 -0.63 -14.67
C GLY A 773 -12.94 -1.66 -15.43
N VAL A 774 -12.69 -1.84 -16.73
CA VAL A 774 -13.47 -2.75 -17.61
C VAL A 774 -12.80 -4.12 -17.72
N ARG A 775 -13.58 -5.20 -17.58
CA ARG A 775 -13.02 -6.55 -17.75
C ARG A 775 -12.83 -6.90 -19.24
N SER A 776 -11.80 -7.70 -19.51
CA SER A 776 -11.59 -8.29 -20.84
C SER A 776 -12.54 -9.49 -20.98
N GLU A 777 -12.63 -10.03 -22.19
CA GLU A 777 -13.15 -11.38 -22.36
C GLU A 777 -12.22 -12.38 -21.67
N ALA A 778 -12.76 -13.52 -21.26
CA ALA A 778 -11.96 -14.56 -20.60
C ALA A 778 -11.09 -15.35 -21.56
N ALA A 779 -9.93 -15.76 -21.08
CA ALA A 779 -9.17 -16.83 -21.69
C ALA A 779 -9.41 -18.06 -20.83
N THR A 780 -9.53 -19.22 -21.48
CA THR A 780 -9.85 -20.47 -20.76
C THR A 780 -8.82 -21.59 -20.96
N THR A 781 -8.77 -22.51 -20.01
CA THR A 781 -7.94 -23.69 -20.16
C THR A 781 -8.57 -24.83 -19.38
N THR A 782 -8.00 -26.01 -19.50
CA THR A 782 -8.56 -27.19 -18.89
C THR A 782 -7.57 -27.72 -17.89
N PHE A 783 -8.00 -27.78 -16.64
CA PHE A 783 -7.25 -28.47 -15.61
C PHE A 783 -7.55 -29.98 -15.67
N ASP A 784 -6.51 -30.79 -15.77
CA ASP A 784 -6.71 -32.24 -15.90
C ASP A 784 -6.44 -32.98 -14.58
N TRP A 785 -7.51 -33.41 -13.90
CA TRP A 785 -7.36 -34.16 -12.65
C TRP A 785 -6.78 -35.58 -12.85
N GLY A 786 -6.91 -36.12 -14.06
CA GLY A 786 -6.45 -37.47 -14.37
C GLY A 786 -7.32 -38.57 -13.76
N MET A 787 -8.50 -38.20 -13.25
CA MET A 787 -9.34 -39.12 -12.47
C MET A 787 -10.71 -38.50 -12.23
N THR A 788 -11.71 -39.37 -12.02
CA THR A 788 -13.05 -38.92 -11.67
C THR A 788 -13.13 -38.80 -10.14
N VAL A 789 -14.23 -38.21 -9.66
CA VAL A 789 -14.40 -37.96 -8.22
C VAL A 789 -14.67 -39.24 -7.42
N LYS A 790 -15.53 -40.11 -7.96
CA LYS A 790 -16.05 -41.33 -7.27
C LYS A 790 -15.60 -42.60 -7.97
C ACY B . 11.79 17.54 27.33
O ACY B . 12.54 17.82 26.35
OXT ACY B . 11.99 17.86 28.54
CH3 ACY B . 10.55 16.76 27.06
C ACY C . -23.69 20.99 2.81
O ACY C . -24.90 21.05 2.51
OXT ACY C . -23.23 21.43 3.89
CH3 ACY C . -22.75 20.35 1.81
C1 PGE D . 26.04 20.98 15.06
O1 PGE D . 27.35 21.52 14.91
C2 PGE D . 25.30 21.07 16.41
O2 PGE D . 24.81 22.36 16.77
C3 PGE D . 24.11 22.54 17.95
C4 PGE D . 24.14 23.97 18.53
O4 PGE D . 27.75 24.47 21.35
C6 PGE D . 27.17 25.35 20.40
C5 PGE D . 25.70 25.19 20.02
O3 PGE D . 25.43 24.44 18.85
#